data_5IUF
#
_entry.id   5IUF
#
_cell.length_a   50.522
_cell.length_b   121.259
_cell.length_c   123.688
_cell.angle_alpha   90.00
_cell.angle_beta   91.70
_cell.angle_gamma   90.00
#
_symmetry.space_group_name_H-M   'P 1 21 1'
#
loop_
_entity.id
_entity.type
_entity.pdbx_description
1 polymer 'Bifunctional oligoribonuclease and PAP phosphatase NrnA'
2 non-polymer "ADENOSINE-3'-5'-DIPHOSPHATE"
3 water water
#
_entity_poly.entity_id   1
_entity_poly.type   'polypeptide(L)'
_entity_poly.pdbx_seq_one_letter_code
;MGSSHHHHHHENLYFQSMASMKTELIRTISLYDTIILHRHVRPDPDAYGSQCGLTEILRETYPEKNIFAVGTPEPSLSFL
YSLDEVDNETYEGALVIVCDTANQERIDDQRYPSGAKLMKIDAHPNEDPYGDLLWVDTSASSVSEMIYELYLEGKEHGWK
LNTKAAELIYAGIVGDTGRFLFPNTTEKTLKYAGELIQYPFSSSELFNQLYETKLNVVKLNGFIFQNVSLSENGAASVFI
KKDTLEKFGTTASEASQLVGTLGNISGIRAWVFFVEEDDQIRVRFRSKGPVINGLARKYNGGGHPLASGASIYSWDEADR
ILADLETLCKEHE
;
_entity_poly.pdbx_strand_id   A,B,C,D
#
# COMPACT_ATOMS: atom_id res chain seq x y z
N MET A 18 -1.12 7.54 13.06
CA MET A 18 -0.62 6.25 12.60
C MET A 18 -0.28 6.29 11.11
N ALA A 19 0.86 5.73 10.76
CA ALA A 19 1.31 5.70 9.37
C ALA A 19 0.42 4.80 8.53
N SER A 20 0.09 3.64 9.05
CA SER A 20 -0.76 2.69 8.35
C SER A 20 -2.14 3.28 8.05
N MET A 21 -2.69 4.02 9.02
CA MET A 21 -4.01 4.63 8.86
C MET A 21 -4.06 5.55 7.65
N LYS A 22 -3.01 6.34 7.49
CA LYS A 22 -2.93 7.29 6.36
C LYS A 22 -2.88 6.54 5.05
N THR A 23 -2.13 5.44 5.03
CA THR A 23 -2.02 4.66 3.83
C THR A 23 -3.37 4.05 3.45
N GLU A 24 -4.11 3.55 4.43
CA GLU A 24 -5.40 2.97 4.18
C GLU A 24 -6.40 4.04 3.63
N LEU A 25 -6.35 5.28 4.15
CA LEU A 25 -7.19 6.36 3.58
C LEU A 25 -6.90 6.57 2.10
N ILE A 26 -5.61 6.64 1.79
CA ILE A 26 -5.14 6.86 0.38
C ILE A 26 -5.60 5.73 -0.49
N ARG A 27 -5.47 4.49 0.02
CA ARG A 27 -5.91 3.33 -0.81
C ARG A 27 -7.38 3.41 -1.05
N THR A 28 -8.14 3.65 0.00
CA THR A 28 -9.60 3.73 -0.14
C THR A 28 -9.98 4.85 -1.13
N ILE A 29 -9.32 6.01 -1.04
CA ILE A 29 -9.57 7.13 -2.02
C ILE A 29 -9.33 6.68 -3.48
N SER A 30 -8.30 5.87 -3.72
CA SER A 30 -8.01 5.47 -5.06
C SER A 30 -9.11 4.56 -5.59
N LEU A 31 -9.77 3.81 -4.74
CA LEU A 31 -10.78 2.85 -5.21
C LEU A 31 -12.12 3.44 -5.71
N TYR A 32 -12.55 4.64 -5.29
CA TYR A 32 -13.89 5.15 -5.64
C TYR A 32 -13.89 6.21 -6.74
N ASP A 33 -14.84 6.11 -7.68
CA ASP A 33 -14.95 7.04 -8.80
C ASP A 33 -15.57 8.35 -8.40
N THR A 34 -16.50 8.32 -7.46
CA THR A 34 -17.11 9.52 -6.94
C THR A 34 -16.73 9.73 -5.46
N ILE A 35 -16.25 10.94 -5.14
CA ILE A 35 -15.82 11.31 -3.78
C ILE A 35 -16.47 12.63 -3.49
N ILE A 36 -17.16 12.73 -2.38
CA ILE A 36 -17.90 13.89 -2.00
C ILE A 36 -17.40 14.26 -0.62
N LEU A 37 -17.03 15.52 -0.46
CA LEU A 37 -16.41 15.98 0.76
C LEU A 37 -17.22 17.01 1.57
N HIS A 38 -17.30 16.78 2.89
CA HIS A 38 -18.07 17.61 3.81
C HIS A 38 -17.15 18.15 4.91
N ARG A 39 -17.65 19.18 5.59
CA ARG A 39 -17.11 19.69 6.82
C ARG A 39 -18.23 20.21 7.75
N HIS A 40 -17.85 20.91 8.81
CA HIS A 40 -18.80 21.37 9.81
C HIS A 40 -19.62 22.62 9.39
N VAL A 41 -20.86 22.70 9.89
CA VAL A 41 -21.70 23.89 9.72
C VAL A 41 -20.96 25.10 10.27
N ARG A 42 -21.17 26.26 9.64
CA ARG A 42 -20.60 27.55 10.04
C ARG A 42 -19.10 27.41 9.86
N PRO A 43 -18.68 27.19 8.60
CA PRO A 43 -17.32 26.86 8.36
C PRO A 43 -16.36 28.04 8.73
N ASP A 44 -15.17 27.66 9.15
CA ASP A 44 -14.06 28.55 9.47
C ASP A 44 -12.85 28.24 8.52
N PRO A 45 -11.70 28.92 8.71
CA PRO A 45 -10.60 28.66 7.78
C PRO A 45 -10.16 27.19 7.76
N ASP A 46 -10.12 26.53 8.91
CA ASP A 46 -9.67 25.12 8.91
C ASP A 46 -10.63 24.22 8.11
N ALA A 47 -11.94 24.54 8.16
CA ALA A 47 -12.98 23.73 7.45
C ALA A 47 -12.65 23.85 5.98
N TYR A 48 -12.39 25.08 5.52
CA TYR A 48 -12.06 25.31 4.10
C TYR A 48 -10.75 24.67 3.69
N GLY A 49 -9.73 24.87 4.48
CA GLY A 49 -8.39 24.36 4.17
C GLY A 49 -8.33 22.85 4.10
N SER A 50 -8.93 22.19 5.06
CA SER A 50 -9.01 20.75 5.06
C SER A 50 -9.92 20.17 4.00
N GLN A 51 -11.22 20.52 4.00
CA GLN A 51 -12.17 20.04 2.95
C GLN A 51 -11.78 20.42 1.50
N CYS A 52 -11.49 21.70 1.33
CA CYS A 52 -11.23 22.19 -0.05
C CYS A 52 -9.80 21.91 -0.47
N GLY A 53 -8.89 21.93 0.50
CA GLY A 53 -7.52 21.52 0.24
C GLY A 53 -7.46 20.09 -0.27
N LEU A 54 -8.14 19.18 0.43
CA LEU A 54 -8.15 17.81 0.01
C LEU A 54 -8.93 17.68 -1.33
N THR A 55 -10.02 18.44 -1.48
CA THR A 55 -10.75 18.38 -2.74
C THR A 55 -9.86 18.74 -3.91
N GLU A 56 -9.05 19.78 -3.74
CA GLU A 56 -8.20 20.24 -4.81
C GLU A 56 -6.99 19.28 -5.07
N ILE A 57 -6.36 18.72 -4.02
CA ILE A 57 -5.43 17.57 -4.20
C ILE A 57 -6.05 16.48 -5.10
N LEU A 58 -7.25 16.23 -4.82
CA LEU A 58 -7.85 15.07 -5.49
C LEU A 58 -8.33 15.43 -6.92
N ARG A 59 -8.74 16.60 -7.17
CA ARG A 59 -9.09 17.03 -8.51
C ARG A 59 -7.85 17.02 -9.43
N GLU A 60 -6.71 17.42 -8.87
CA GLU A 60 -5.46 17.46 -9.57
C GLU A 60 -4.90 16.05 -9.84
N THR A 61 -4.85 15.24 -8.77
CA THR A 61 -4.35 13.92 -8.84
C THR A 61 -5.27 13.01 -9.71
N TYR A 62 -6.61 13.15 -9.61
CA TYR A 62 -7.55 12.24 -10.27
C TYR A 62 -8.54 12.98 -11.15
N PRO A 63 -8.09 13.50 -12.30
CA PRO A 63 -9.03 14.24 -13.13
C PRO A 63 -10.12 13.35 -13.71
N GLU A 64 -9.95 12.03 -13.70
CA GLU A 64 -11.04 11.13 -14.17
C GLU A 64 -12.15 10.90 -13.13
N LYS A 65 -11.93 11.24 -11.87
CA LYS A 65 -12.98 11.05 -10.83
C LYS A 65 -13.95 12.20 -10.78
N ASN A 66 -15.09 11.97 -10.14
CA ASN A 66 -16.11 13.00 -9.90
C ASN A 66 -15.89 13.41 -8.45
N ILE A 67 -15.30 14.56 -8.26
CA ILE A 67 -14.97 15.07 -6.91
C ILE A 67 -15.80 16.34 -6.58
N PHE A 68 -16.46 16.34 -5.44
CA PHE A 68 -17.37 17.45 -5.07
C PHE A 68 -17.15 17.85 -3.65
N ALA A 69 -17.28 19.17 -3.40
CA ALA A 69 -17.20 19.70 -2.02
C ALA A 69 -18.52 20.38 -1.73
N VAL A 70 -19.21 19.98 -0.67
CA VAL A 70 -20.52 20.43 -0.45
C VAL A 70 -20.64 21.26 0.80
N GLY A 71 -21.76 21.96 0.91
CA GLY A 71 -22.13 22.63 2.16
C GLY A 71 -22.58 24.06 1.90
N THR A 72 -22.95 24.79 2.95
CA THR A 72 -23.23 26.23 2.82
C THR A 72 -21.96 27.05 2.94
N PRO A 73 -21.69 27.94 1.98
CA PRO A 73 -20.50 28.75 2.07
C PRO A 73 -20.54 29.80 3.16
N GLU A 74 -19.35 30.26 3.56
CA GLU A 74 -19.16 31.35 4.49
C GLU A 74 -18.72 32.53 3.64
N PRO A 75 -19.59 33.57 3.50
CA PRO A 75 -19.26 34.68 2.54
C PRO A 75 -17.88 35.30 2.70
N SER A 76 -17.41 35.51 3.95
CA SER A 76 -16.02 36.07 4.20
C SER A 76 -14.87 35.13 3.85
N LEU A 77 -15.12 33.86 3.60
CA LEU A 77 -14.10 32.94 3.15
C LEU A 77 -14.31 32.51 1.68
N SER A 78 -15.34 33.00 1.05
CA SER A 78 -15.73 32.49 -0.28
C SER A 78 -14.68 32.78 -1.35
N PHE A 79 -13.82 33.77 -1.11
CA PHE A 79 -12.62 33.96 -1.93
C PHE A 79 -11.69 32.72 -2.01
N LEU A 80 -11.72 31.85 -1.01
CA LEU A 80 -10.85 30.63 -1.02
C LEU A 80 -11.27 29.61 -2.03
N TYR A 81 -12.57 29.35 -2.13
CA TYR A 81 -13.04 28.22 -2.98
C TYR A 81 -14.57 28.31 -3.03
N SER A 82 -15.14 27.83 -4.13
CA SER A 82 -16.59 27.75 -4.31
C SER A 82 -17.00 26.31 -4.12
N LEU A 83 -18.19 26.08 -3.61
CA LEU A 83 -18.74 24.77 -3.34
C LEU A 83 -19.73 24.33 -4.40
N ASP A 84 -20.07 23.03 -4.41
CA ASP A 84 -20.82 22.43 -5.46
C ASP A 84 -22.17 22.03 -4.98
N GLU A 85 -23.11 22.01 -5.92
CA GLU A 85 -24.45 21.49 -5.67
C GLU A 85 -24.52 20.10 -6.28
N VAL A 86 -25.00 19.16 -5.49
CA VAL A 86 -24.92 17.77 -5.84
C VAL A 86 -26.30 17.15 -5.60
N ASP A 87 -26.74 16.32 -6.53
CA ASP A 87 -27.99 15.61 -6.47
C ASP A 87 -27.85 14.42 -5.54
N ASN A 88 -28.98 14.07 -4.97
CA ASN A 88 -29.09 12.82 -4.18
C ASN A 88 -28.50 11.62 -4.88
N GLU A 89 -28.81 11.43 -6.15
CA GLU A 89 -28.28 10.29 -6.91
C GLU A 89 -26.74 10.15 -6.92
N THR A 90 -26.02 11.27 -6.94
CA THR A 90 -24.54 11.24 -6.98
C THR A 90 -23.89 10.51 -5.74
N TYR A 91 -24.64 10.42 -4.65
CA TYR A 91 -24.15 9.78 -3.43
C TYR A 91 -24.07 8.26 -3.60
N GLU A 92 -24.99 7.70 -4.37
CA GLU A 92 -25.03 6.26 -4.60
C GLU A 92 -23.64 5.73 -4.91
N GLY A 93 -23.21 4.73 -4.14
CA GLY A 93 -21.89 4.14 -4.32
C GLY A 93 -20.65 5.08 -4.15
N ALA A 94 -20.83 6.27 -3.64
CA ALA A 94 -19.72 7.21 -3.48
C ALA A 94 -18.96 6.96 -2.18
N LEU A 95 -17.70 7.43 -2.15
CA LEU A 95 -16.99 7.66 -0.91
C LEU A 95 -17.29 9.08 -0.42
N VAL A 96 -17.63 9.19 0.84
CA VAL A 96 -17.87 10.45 1.51
C VAL A 96 -16.78 10.63 2.56
N ILE A 97 -16.14 11.79 2.49
CA ILE A 97 -15.14 12.17 3.48
C ILE A 97 -15.61 13.36 4.25
N VAL A 98 -15.58 13.26 5.60
CA VAL A 98 -15.95 14.35 6.46
C VAL A 98 -14.71 14.85 7.22
N CYS A 99 -14.38 16.11 6.99
CA CYS A 99 -13.24 16.81 7.58
C CYS A 99 -13.65 17.66 8.77
N ASP A 100 -12.87 17.64 9.82
CA ASP A 100 -12.98 18.68 10.86
C ASP A 100 -14.38 18.80 11.55
N THR A 101 -15.06 17.71 11.83
CA THR A 101 -16.37 17.71 12.48
C THR A 101 -16.44 16.60 13.54
N ALA A 102 -16.28 17.00 14.79
CA ALA A 102 -16.37 16.05 15.87
C ALA A 102 -17.73 15.35 16.02
N ASN A 103 -18.81 16.08 15.80
CA ASN A 103 -20.19 15.58 15.99
C ASN A 103 -20.94 15.45 14.73
N GLN A 104 -21.42 14.26 14.49
CA GLN A 104 -22.26 14.03 13.34
C GLN A 104 -23.34 15.06 13.06
N GLU A 105 -24.00 15.55 14.09
CA GLU A 105 -25.11 16.46 13.84
C GLU A 105 -24.71 17.88 13.41
N ARG A 106 -23.42 18.18 13.48
CA ARG A 106 -22.90 19.43 13.04
C ARG A 106 -22.27 19.34 11.64
N ILE A 107 -22.41 18.20 10.96
CA ILE A 107 -21.93 18.04 9.61
C ILE A 107 -22.87 18.83 8.69
N ASP A 108 -22.28 19.66 7.83
CA ASP A 108 -23.02 20.51 6.92
C ASP A 108 -23.32 19.53 5.84
N ASP A 109 -24.59 19.48 5.49
CA ASP A 109 -25.18 18.54 4.54
C ASP A 109 -25.17 17.15 5.18
N GLN A 110 -26.36 16.72 5.60
CA GLN A 110 -26.52 15.44 6.29
C GLN A 110 -26.51 14.18 5.40
N ARG A 111 -26.50 14.33 4.09
CA ARG A 111 -26.51 13.13 3.25
C ARG A 111 -25.13 12.42 3.33
N TYR A 112 -24.29 12.78 4.32
CA TYR A 112 -23.00 12.17 4.47
C TYR A 112 -22.98 10.64 4.67
N PRO A 113 -24.02 10.01 5.29
CA PRO A 113 -23.87 8.53 5.45
C PRO A 113 -24.52 7.76 4.35
N SER A 114 -24.96 8.44 3.30
CA SER A 114 -25.72 7.84 2.19
C SER A 114 -24.86 7.26 1.07
N GLY A 115 -23.54 7.37 1.20
CA GLY A 115 -22.65 6.75 0.22
C GLY A 115 -22.35 5.29 0.52
N ALA A 116 -21.45 4.72 -0.26
CA ALA A 116 -20.99 3.36 0.04
C ALA A 116 -20.09 3.30 1.25
N LYS A 117 -19.28 4.33 1.47
CA LYS A 117 -18.34 4.39 2.61
C LYS A 117 -18.21 5.83 3.15
N LEU A 118 -17.85 5.91 4.42
CA LEU A 118 -17.73 7.16 5.12
C LEU A 118 -16.35 7.21 5.83
N MET A 119 -15.60 8.28 5.61
CA MET A 119 -14.26 8.43 6.20
C MET A 119 -14.27 9.69 7.02
N LYS A 120 -13.79 9.59 8.26
CA LYS A 120 -13.65 10.72 9.19
C LYS A 120 -12.20 11.12 9.36
N ILE A 121 -11.91 12.39 9.11
CA ILE A 121 -10.57 12.99 9.35
C ILE A 121 -10.76 14.20 10.22
N ASP A 122 -10.22 14.15 11.40
CA ASP A 122 -10.47 15.17 12.43
C ASP A 122 -9.36 15.26 13.45
N ALA A 123 -9.29 16.44 14.08
CA ALA A 123 -8.28 16.72 15.10
C ALA A 123 -8.88 17.02 16.47
N HIS A 124 -10.15 16.76 16.65
CA HIS A 124 -10.84 16.94 17.93
C HIS A 124 -11.09 15.57 18.62
N PRO A 125 -11.30 15.58 19.95
CA PRO A 125 -11.50 14.31 20.65
C PRO A 125 -12.60 13.43 20.06
N ASN A 126 -12.33 12.13 20.03
CA ASN A 126 -13.10 11.15 19.28
C ASN A 126 -14.30 10.62 20.09
N GLU A 127 -15.10 11.55 20.60
CA GLU A 127 -16.32 11.24 21.29
C GLU A 127 -17.45 10.69 20.42
N ASP A 128 -17.43 10.95 19.11
CA ASP A 128 -18.48 10.45 18.24
C ASP A 128 -17.68 9.74 17.19
N PRO A 129 -17.38 8.45 17.42
CA PRO A 129 -16.43 7.74 16.57
C PRO A 129 -17.03 7.13 15.33
N TYR A 130 -17.53 8.02 14.47
CA TYR A 130 -18.22 7.65 13.24
C TYR A 130 -17.24 7.37 12.13
N GLY A 131 -17.71 6.65 11.11
CA GLY A 131 -16.98 6.31 9.96
C GLY A 131 -16.60 4.82 9.81
N ASP A 132 -16.42 4.40 8.55
CA ASP A 132 -15.95 3.06 8.25
C ASP A 132 -14.44 3.15 8.46
N LEU A 133 -13.89 4.32 8.15
CA LEU A 133 -12.48 4.63 8.30
C LEU A 133 -12.43 5.87 9.21
N LEU A 134 -11.47 5.87 10.15
CA LEU A 134 -11.26 6.97 11.11
C LEU A 134 -9.81 7.35 11.27
N TRP A 135 -9.51 8.60 11.01
CA TRP A 135 -8.15 9.09 11.26
C TRP A 135 -8.41 10.34 12.14
N VAL A 136 -8.17 10.20 13.43
CA VAL A 136 -8.34 11.27 14.39
C VAL A 136 -7.02 11.44 15.13
N ASP A 137 -6.55 12.68 15.20
CA ASP A 137 -5.26 12.95 15.87
C ASP A 137 -5.36 14.29 16.57
N THR A 138 -5.48 14.21 17.89
CA THR A 138 -5.69 15.39 18.72
C THR A 138 -4.38 16.13 18.97
N SER A 139 -3.26 15.56 18.52
CA SER A 139 -1.99 16.27 18.59
C SER A 139 -1.78 17.21 17.37
N ALA A 140 -2.60 17.11 16.32
CA ALA A 140 -2.43 18.03 15.20
C ALA A 140 -2.96 19.40 15.55
N SER A 141 -2.35 20.44 15.03
CA SER A 141 -2.88 21.81 15.23
C SER A 141 -4.29 21.95 14.71
N SER A 142 -4.54 21.28 13.61
CA SER A 142 -5.63 21.56 12.75
C SER A 142 -5.80 20.46 11.75
N VAL A 143 -6.99 20.36 11.18
CA VAL A 143 -7.17 19.35 10.13
C VAL A 143 -6.44 19.67 8.84
N SER A 144 -6.26 20.97 8.54
CA SER A 144 -5.49 21.35 7.38
C SER A 144 -4.05 20.81 7.51
N GLU A 145 -3.48 20.85 8.69
CA GLU A 145 -2.17 20.19 8.94
C GLU A 145 -2.20 18.68 8.65
N MET A 146 -3.26 18.04 9.13
CA MET A 146 -3.52 16.60 8.86
C MET A 146 -3.57 16.32 7.37
N ILE A 147 -4.20 17.21 6.62
CA ILE A 147 -4.29 17.01 5.17
C ILE A 147 -2.90 17.10 4.47
N TYR A 148 -2.07 18.04 4.97
CA TYR A 148 -0.70 18.16 4.45
C TYR A 148 0.05 16.88 4.80
N GLU A 149 -0.05 16.41 6.02
CA GLU A 149 0.59 15.14 6.39
C GLU A 149 0.11 13.96 5.53
N LEU A 150 -1.19 13.94 5.20
CA LEU A 150 -1.73 12.89 4.33
C LEU A 150 -1.14 12.98 2.97
N TYR A 151 -1.02 14.18 2.43
CA TYR A 151 -0.38 14.45 1.14
C TYR A 151 1.09 13.95 1.10
N LEU A 152 1.85 14.29 2.14
CA LEU A 152 3.24 13.86 2.22
C LEU A 152 3.32 12.38 1.89
N GLU A 153 2.51 11.58 2.57
CA GLU A 153 2.48 10.15 2.34
C GLU A 153 1.97 9.90 0.92
N GLY A 154 0.81 10.46 0.62
CA GLY A 154 0.18 10.32 -0.68
C GLY A 154 1.10 10.47 -1.88
N LYS A 155 2.04 11.40 -1.77
CA LYS A 155 3.02 11.68 -2.80
C LYS A 155 3.52 10.39 -3.46
N GLU A 156 4.01 9.47 -2.62
CA GLU A 156 4.53 8.17 -3.04
C GLU A 156 3.53 7.33 -3.82
N HIS A 157 2.25 7.66 -3.72
CA HIS A 157 1.25 6.90 -4.42
C HIS A 157 0.66 7.76 -5.49
N GLY A 158 1.41 8.76 -5.96
CA GLY A 158 0.98 9.65 -7.08
C GLY A 158 0.22 10.96 -6.77
N TRP A 159 0.04 11.30 -5.50
CA TRP A 159 -0.72 12.52 -5.22
C TRP A 159 0.06 13.74 -5.64
N LYS A 160 -0.66 14.73 -6.15
CA LYS A 160 -0.13 16.00 -6.59
C LYS A 160 -0.71 17.23 -5.86
N LEU A 161 0.16 18.08 -5.37
CA LEU A 161 -0.24 19.26 -4.66
C LEU A 161 0.01 20.45 -5.62
N ASN A 162 -1.01 21.11 -6.09
CA ASN A 162 -0.83 22.35 -6.89
C ASN A 162 -0.94 23.60 -5.99
N THR A 163 -0.86 24.77 -6.62
CA THR A 163 -0.70 26.03 -5.99
C THR A 163 -1.94 26.42 -5.23
N LYS A 164 -3.07 26.20 -5.82
CA LYS A 164 -4.36 26.42 -5.16
C LYS A 164 -4.55 25.59 -3.85
N ALA A 165 -4.22 24.29 -3.92
CA ALA A 165 -4.26 23.43 -2.71
C ALA A 165 -3.30 23.93 -1.69
N ALA A 166 -2.08 24.35 -2.12
CA ALA A 166 -1.12 24.76 -1.13
C ALA A 166 -1.63 25.95 -0.37
N GLU A 167 -2.19 26.87 -1.13
CA GLU A 167 -2.73 28.05 -0.58
C GLU A 167 -3.87 27.77 0.38
N LEU A 168 -4.75 26.86 -0.03
CA LEU A 168 -5.86 26.43 0.87
C LEU A 168 -5.42 25.87 2.20
N ILE A 169 -4.44 24.98 2.14
CA ILE A 169 -3.95 24.35 3.37
C ILE A 169 -3.24 25.39 4.29
N TYR A 170 -2.52 26.30 3.67
CA TYR A 170 -1.86 27.37 4.37
C TYR A 170 -2.83 28.25 5.04
N ALA A 171 -3.87 28.65 4.29
CA ALA A 171 -4.99 29.45 4.83
C ALA A 171 -5.64 28.79 6.03
N GLY A 172 -5.88 27.49 5.90
CA GLY A 172 -6.44 26.74 7.05
C GLY A 172 -5.53 26.77 8.26
N ILE A 173 -4.25 26.56 8.05
CA ILE A 173 -3.29 26.53 9.17
C ILE A 173 -3.15 27.90 9.84
N VAL A 174 -3.03 28.94 9.00
CA VAL A 174 -2.84 30.32 9.55
C VAL A 174 -4.11 30.83 10.19
N GLY A 175 -5.28 30.51 9.61
CA GLY A 175 -6.53 30.83 10.28
C GLY A 175 -6.69 30.11 11.61
N ASP A 176 -6.41 28.81 11.66
CA ASP A 176 -6.69 28.05 12.89
C ASP A 176 -5.71 28.33 14.02
N THR A 177 -4.52 28.83 13.72
CA THR A 177 -3.48 29.07 14.77
C THR A 177 -3.30 30.55 15.08
N GLY A 178 -4.16 31.39 14.51
CA GLY A 178 -3.99 32.87 14.58
C GLY A 178 -2.59 33.30 14.08
N ARG A 179 -2.18 32.71 12.93
CA ARG A 179 -0.86 32.92 12.25
C ARG A 179 0.25 32.53 13.29
N PHE A 180 0.23 31.27 13.76
CA PHE A 180 1.28 30.71 14.63
C PHE A 180 1.35 31.34 16.03
N LEU A 181 0.23 31.89 16.47
CA LEU A 181 0.13 32.51 17.80
C LEU A 181 -0.41 31.51 18.79
N PHE A 182 -1.52 30.85 18.45
CA PHE A 182 -2.26 30.10 19.49
C PHE A 182 -1.50 28.84 19.93
N PRO A 183 -1.83 28.33 21.11
CA PRO A 183 -1.00 27.18 21.60
C PRO A 183 -1.23 25.78 20.92
N ASN A 184 -2.17 25.64 19.98
CA ASN A 184 -2.27 24.49 19.05
C ASN A 184 -1.12 24.47 18.02
N THR A 185 -0.37 25.56 17.89
CA THR A 185 0.81 25.59 16.98
C THR A 185 1.90 24.61 17.49
N THR A 186 2.42 23.72 16.65
CA THR A 186 3.48 22.78 17.03
C THR A 186 4.61 22.89 16.02
N GLU A 187 5.67 22.12 16.28
CA GLU A 187 6.80 22.05 15.41
C GLU A 187 6.38 21.70 13.96
N LYS A 188 5.40 20.80 13.84
CA LYS A 188 4.93 20.35 12.55
C LYS A 188 4.24 21.45 11.77
N THR A 189 3.52 22.26 12.49
CA THR A 189 2.76 23.33 11.88
C THR A 189 3.67 24.31 11.14
N LEU A 190 4.74 24.68 11.83
CA LEU A 190 5.68 25.65 11.32
C LEU A 190 6.46 25.03 10.19
N LYS A 191 6.93 23.80 10.40
CA LYS A 191 7.59 23.04 9.31
C LYS A 191 6.78 22.89 8.02
N TYR A 192 5.53 22.51 8.15
CA TYR A 192 4.71 22.40 6.95
C TYR A 192 4.45 23.75 6.30
N ALA A 193 4.29 24.79 7.12
CA ALA A 193 4.04 26.14 6.59
C ALA A 193 5.23 26.59 5.74
N GLY A 194 6.45 26.28 6.21
CA GLY A 194 7.65 26.56 5.40
C GLY A 194 7.64 25.82 4.10
N GLU A 195 7.23 24.54 4.12
CA GLU A 195 7.08 23.81 2.85
C GLU A 195 6.03 24.41 1.97
N LEU A 196 4.89 24.79 2.56
CA LEU A 196 3.78 25.33 1.75
C LEU A 196 4.05 26.71 1.09
N ILE A 197 4.73 27.57 1.84
CA ILE A 197 5.05 28.92 1.39
C ILE A 197 5.89 28.99 0.11
N GLN A 198 6.57 27.91 -0.19
CA GLN A 198 7.38 27.80 -1.44
C GLN A 198 6.48 27.71 -2.65
N TYR A 199 5.19 27.39 -2.53
CA TYR A 199 4.29 27.42 -3.70
C TYR A 199 4.03 28.87 -4.14
N PRO A 200 3.77 29.08 -5.46
CA PRO A 200 3.79 30.46 -5.94
C PRO A 200 2.49 31.19 -5.80
N PHE A 201 1.88 31.17 -4.58
CA PHE A 201 0.66 31.95 -4.27
C PHE A 201 1.15 33.14 -3.43
N SER A 202 0.36 34.17 -3.42
CA SER A 202 0.71 35.35 -2.67
C SER A 202 0.20 35.25 -1.23
N SER A 203 1.12 35.08 -0.29
CA SER A 203 0.70 35.00 1.09
C SER A 203 0.27 36.38 1.59
N SER A 204 0.86 37.46 1.05
CA SER A 204 0.54 38.78 1.57
C SER A 204 -0.88 39.12 1.17
N GLU A 205 -1.28 38.78 -0.05
CA GLU A 205 -2.67 38.99 -0.47
C GLU A 205 -3.66 38.13 0.28
N LEU A 206 -3.23 36.92 0.68
CA LEU A 206 -4.13 36.03 1.48
C LEU A 206 -4.36 36.71 2.80
N PHE A 207 -3.28 37.14 3.49
CA PHE A 207 -3.42 37.84 4.78
C PHE A 207 -4.29 39.07 4.63
N ASN A 208 -4.11 39.84 3.59
CA ASN A 208 -5.04 40.95 3.41
C ASN A 208 -6.50 40.58 3.38
N GLN A 209 -6.83 39.57 2.60
CA GLN A 209 -8.19 39.03 2.55
C GLN A 209 -8.71 38.47 3.87
N LEU A 210 -7.91 37.67 4.56
CA LEU A 210 -8.32 37.19 5.86
C LEU A 210 -8.53 38.31 6.89
N TYR A 211 -7.72 39.40 6.88
CA TYR A 211 -7.80 40.40 7.95
C TYR A 211 -8.64 41.64 7.62
N GLU A 212 -9.00 41.80 6.38
CA GLU A 212 -9.89 42.86 5.93
C GLU A 212 -11.10 43.04 6.81
N THR A 213 -11.27 44.24 7.34
CA THR A 213 -12.34 44.53 8.30
C THR A 213 -13.08 45.83 7.87
N LYS A 214 -14.42 45.77 7.86
CA LYS A 214 -15.26 46.90 7.42
C LYS A 214 -15.14 48.00 8.40
N LEU A 215 -15.14 49.25 7.90
CA LEU A 215 -14.98 50.41 8.73
C LEU A 215 -15.92 50.41 9.92
N ASN A 216 -17.18 50.02 9.74
CA ASN A 216 -18.11 50.05 10.87
C ASN A 216 -17.75 49.04 11.99
N VAL A 217 -17.18 47.90 11.66
CA VAL A 217 -16.72 46.96 12.69
C VAL A 217 -15.42 47.54 13.35
N VAL A 218 -14.54 48.14 12.55
CA VAL A 218 -13.38 48.85 13.16
C VAL A 218 -13.84 49.92 14.19
N LYS A 219 -14.84 50.71 13.84
CA LYS A 219 -15.30 51.73 14.73
C LYS A 219 -15.88 51.13 16.01
N LEU A 220 -16.63 50.05 15.89
CA LEU A 220 -17.16 49.37 17.08
C LEU A 220 -16.01 48.88 17.96
N ASN A 221 -14.99 48.34 17.32
CA ASN A 221 -13.74 47.89 18.05
C ASN A 221 -13.12 49.06 18.75
N GLY A 222 -13.16 50.22 18.08
CA GLY A 222 -12.67 51.46 18.73
C GLY A 222 -13.47 51.94 19.93
N PHE A 223 -14.79 51.87 19.78
CA PHE A 223 -15.68 52.10 20.94
C PHE A 223 -15.38 51.18 22.16
N ILE A 224 -15.19 49.88 21.89
CA ILE A 224 -14.83 48.94 22.96
C ILE A 224 -13.48 49.32 23.61
N PHE A 225 -12.42 49.50 22.80
CA PHE A 225 -11.09 49.86 23.37
C PHE A 225 -11.16 51.13 24.18
N GLN A 226 -11.87 52.15 23.66
CA GLN A 226 -11.88 53.49 24.30
C GLN A 226 -12.48 53.46 25.68
N ASN A 227 -13.51 52.65 25.84
CA ASN A 227 -14.28 52.53 27.06
C ASN A 227 -13.93 51.35 27.94
N VAL A 228 -12.94 50.55 27.61
CA VAL A 228 -12.60 49.37 28.46
C VAL A 228 -11.92 49.84 29.79
N SER A 229 -12.26 49.18 30.87
CA SER A 229 -11.49 49.37 32.10
C SER A 229 -11.19 48.03 32.76
N LEU A 230 -10.09 48.04 33.48
CA LEU A 230 -9.56 46.90 34.18
C LEU A 230 -9.80 47.14 35.66
N SER A 231 -10.28 46.10 36.37
CA SER A 231 -10.31 46.05 37.84
C SER A 231 -8.85 45.98 38.37
N GLU A 232 -8.69 46.22 39.67
CA GLU A 232 -7.40 46.14 40.30
C GLU A 232 -6.83 44.73 40.14
N ASN A 233 -7.72 43.75 39.95
CA ASN A 233 -7.30 42.37 39.77
C ASN A 233 -7.13 41.91 38.32
N GLY A 234 -7.18 42.87 37.37
CA GLY A 234 -7.09 42.50 35.94
C GLY A 234 -8.31 41.88 35.26
N ALA A 235 -9.50 42.01 35.84
CA ALA A 235 -10.69 41.54 35.15
C ALA A 235 -11.26 42.64 34.24
N ALA A 236 -11.85 42.28 33.09
CA ALA A 236 -12.55 43.27 32.26
C ALA A 236 -13.77 42.67 31.66
N SER A 237 -14.77 43.50 31.39
CA SER A 237 -16.02 43.02 30.80
C SER A 237 -16.53 43.96 29.71
N VAL A 238 -17.19 43.39 28.71
CA VAL A 238 -17.73 44.17 27.60
C VAL A 238 -19.21 43.82 27.36
N PHE A 239 -20.05 44.84 27.33
CA PHE A 239 -21.51 44.63 27.11
C PHE A 239 -21.90 45.23 25.78
N ILE A 240 -22.29 44.42 24.81
CA ILE A 240 -22.78 44.93 23.52
C ILE A 240 -24.26 44.50 23.34
N LYS A 241 -25.10 45.44 23.67
CA LYS A 241 -26.56 45.26 23.61
C LYS A 241 -27.11 45.67 22.24
N LYS A 242 -28.41 45.40 22.00
CA LYS A 242 -29.07 45.71 20.70
C LYS A 242 -28.88 47.20 20.31
N ASP A 243 -28.93 48.10 21.29
CA ASP A 243 -28.76 49.51 20.98
C ASP A 243 -27.37 49.84 20.36
N THR A 244 -26.29 49.25 20.90
CA THR A 244 -24.90 49.46 20.38
C THR A 244 -24.80 48.83 18.96
N LEU A 245 -25.28 47.61 18.79
CA LEU A 245 -25.29 46.98 17.49
C LEU A 245 -25.97 47.89 16.42
N GLU A 246 -27.08 48.53 16.81
CA GLU A 246 -27.82 49.40 15.90
C GLU A 246 -27.02 50.67 15.59
N LYS A 247 -26.44 51.28 16.62
CA LYS A 247 -25.65 52.49 16.46
C LYS A 247 -24.51 52.26 15.48
N PHE A 248 -23.80 51.16 15.64
CA PHE A 248 -22.65 50.83 14.76
C PHE A 248 -23.03 50.04 13.48
N GLY A 249 -24.27 49.55 13.41
CA GLY A 249 -24.74 48.83 12.19
C GLY A 249 -24.04 47.52 12.02
N THR A 250 -23.71 46.84 13.12
CA THR A 250 -22.96 45.58 13.05
C THR A 250 -23.83 44.47 13.50
N THR A 251 -23.61 43.29 12.93
CA THR A 251 -24.25 42.08 13.44
C THR A 251 -23.67 41.64 14.79
N ALA A 252 -24.43 40.74 15.44
CA ALA A 252 -24.07 40.17 16.69
C ALA A 252 -22.80 39.32 16.52
N SER A 253 -22.69 38.59 15.42
CA SER A 253 -21.52 37.78 15.27
C SER A 253 -20.29 38.69 15.01
N GLU A 254 -20.47 39.79 14.29
CA GLU A 254 -19.38 40.76 14.10
C GLU A 254 -18.89 41.28 15.43
N ALA A 255 -19.79 41.66 16.34
CA ALA A 255 -19.36 42.15 17.63
C ALA A 255 -18.69 41.06 18.47
N SER A 256 -19.23 39.84 18.45
CA SER A 256 -18.69 38.74 19.25
C SER A 256 -17.26 38.38 18.83
N GLN A 257 -16.99 38.45 17.52
CA GLN A 257 -15.68 38.16 16.99
C GLN A 257 -14.59 39.13 17.45
N LEU A 258 -14.97 40.22 18.11
CA LEU A 258 -14.00 41.15 18.62
C LEU A 258 -13.52 40.76 19.98
N VAL A 259 -14.03 39.66 20.57
CA VAL A 259 -13.60 39.28 21.93
C VAL A 259 -12.06 39.10 22.08
N GLY A 260 -11.41 38.52 21.08
CA GLY A 260 -9.94 38.33 21.08
C GLY A 260 -9.12 39.61 21.11
N THR A 261 -9.72 40.71 20.68
CA THR A 261 -8.91 41.95 20.51
C THR A 261 -8.36 42.62 21.80
N LEU A 262 -8.85 42.23 22.97
CA LEU A 262 -8.39 42.80 24.22
C LEU A 262 -7.09 42.11 24.76
N GLY A 263 -6.58 41.06 24.11
CA GLY A 263 -5.55 40.17 24.75
C GLY A 263 -4.21 40.79 25.07
N ASN A 264 -3.90 41.94 24.44
CA ASN A 264 -2.59 42.57 24.61
C ASN A 264 -2.57 43.72 25.60
N ILE A 265 -3.67 43.93 26.31
CA ILE A 265 -3.75 45.01 27.25
C ILE A 265 -2.88 44.70 28.48
N SER A 266 -1.99 45.63 28.83
CA SER A 266 -1.12 45.43 29.97
C SER A 266 -1.91 45.24 31.23
N GLY A 267 -1.61 44.15 31.95
CA GLY A 267 -2.28 43.82 33.18
C GLY A 267 -3.59 43.06 33.09
N ILE A 268 -4.09 42.81 31.89
CA ILE A 268 -5.38 42.07 31.80
C ILE A 268 -5.12 40.58 32.18
N ARG A 269 -6.01 39.97 32.97
CA ARG A 269 -5.90 38.57 33.41
C ARG A 269 -6.92 37.69 32.70
N ALA A 270 -8.16 38.11 32.72
CA ALA A 270 -9.26 37.43 32.04
C ALA A 270 -10.43 38.40 31.81
N TRP A 271 -11.22 38.11 30.80
CA TRP A 271 -12.29 39.06 30.48
C TRP A 271 -13.40 38.31 29.83
N VAL A 272 -14.53 38.97 29.77
CA VAL A 272 -15.72 38.42 29.13
C VAL A 272 -16.50 39.43 28.22
N PHE A 273 -17.06 38.92 27.09
CA PHE A 273 -18.03 39.65 26.24
C PHE A 273 -19.46 39.10 26.43
N PHE A 274 -20.43 40.00 26.55
CA PHE A 274 -21.88 39.71 26.51
C PHE A 274 -22.43 40.39 25.26
N VAL A 275 -22.88 39.62 24.29
CA VAL A 275 -23.49 40.16 23.06
C VAL A 275 -24.97 39.75 23.10
N GLU A 276 -25.86 40.73 23.12
CA GLU A 276 -27.29 40.49 22.90
C GLU A 276 -27.68 40.03 21.47
N GLU A 277 -28.17 38.82 21.37
CA GLU A 277 -28.66 38.25 20.15
C GLU A 277 -30.19 38.16 20.31
N ASP A 278 -30.91 37.73 19.29
CA ASP A 278 -32.37 37.66 19.37
C ASP A 278 -32.96 36.78 20.49
N ASP A 279 -32.38 35.59 20.66
CA ASP A 279 -32.81 34.59 21.64
C ASP A 279 -32.03 34.40 22.96
N GLN A 280 -30.73 34.70 23.00
CA GLN A 280 -29.91 34.61 24.21
C GLN A 280 -29.06 35.90 24.30
N ILE A 281 -28.30 35.90 25.31
CA ILE A 281 -27.07 36.74 25.42
C ILE A 281 -25.86 35.80 25.26
N ARG A 282 -25.04 35.86 24.28
CA ARG A 282 -23.89 35.04 24.03
C ARG A 282 -22.88 35.56 25.02
N VAL A 283 -22.12 34.62 25.58
CA VAL A 283 -21.05 34.87 26.55
C VAL A 283 -19.76 34.18 26.08
N ARG A 284 -18.71 34.98 25.94
CA ARG A 284 -17.38 34.57 25.50
C ARG A 284 -16.35 34.95 26.57
N PHE A 285 -15.69 33.94 27.11
CA PHE A 285 -14.69 34.08 28.15
C PHE A 285 -13.33 33.84 27.54
N ARG A 286 -12.37 34.64 28.01
CA ARG A 286 -10.97 34.57 27.58
C ARG A 286 -10.10 34.79 28.81
N SER A 287 -8.88 34.27 28.78
CA SER A 287 -7.95 34.40 29.88
C SER A 287 -6.49 34.32 29.46
N LYS A 288 -5.66 35.09 30.15
CA LYS A 288 -4.23 35.11 29.87
C LYS A 288 -3.50 34.24 30.88
N GLY A 289 -4.27 33.56 31.73
CA GLY A 289 -3.70 32.69 32.75
C GLY A 289 -4.72 31.87 33.52
N PRO A 290 -5.47 32.54 34.40
CA PRO A 290 -6.47 31.85 35.22
C PRO A 290 -7.46 30.99 34.40
N VAL A 291 -7.77 29.80 34.88
CA VAL A 291 -8.68 28.90 34.17
C VAL A 291 -10.11 29.42 34.20
N ILE A 292 -10.78 29.41 33.07
CA ILE A 292 -12.14 29.93 32.97
C ILE A 292 -13.15 28.80 32.71
N ASN A 293 -12.65 27.64 32.38
CA ASN A 293 -13.51 26.50 32.18
C ASN A 293 -14.55 26.49 33.28
N GLY A 294 -14.08 26.17 34.49
CA GLY A 294 -14.96 26.10 35.65
C GLY A 294 -16.10 27.11 35.63
N LEU A 295 -15.74 28.38 35.53
CA LEU A 295 -16.74 29.45 35.51
C LEU A 295 -17.78 29.28 34.40
N ALA A 296 -17.34 28.85 33.23
CA ALA A 296 -18.25 28.66 32.08
C ALA A 296 -19.29 27.56 32.37
N ARG A 297 -18.78 26.38 32.76
CA ARG A 297 -19.60 25.21 33.22
C ARG A 297 -20.65 25.56 34.29
N LYS A 298 -20.29 26.41 35.24
CA LYS A 298 -21.23 26.92 36.23
C LYS A 298 -22.42 27.70 35.60
N TYR A 299 -22.24 28.38 34.48
CA TYR A 299 -23.38 29.00 33.81
C TYR A 299 -23.80 28.25 32.50
N ASN A 300 -23.68 26.93 32.55
CA ASN A 300 -24.18 25.98 31.54
C ASN A 300 -23.40 25.87 30.24
N GLY A 301 -22.26 26.54 30.15
CA GLY A 301 -21.41 26.41 29.00
C GLY A 301 -20.20 25.56 29.33
N GLY A 302 -19.12 25.81 28.59
CA GLY A 302 -17.85 25.15 28.85
C GLY A 302 -16.88 25.53 27.75
N GLY A 303 -15.77 24.82 27.62
CA GLY A 303 -14.78 25.16 26.60
C GLY A 303 -13.39 24.83 27.10
N HIS A 304 -12.36 25.54 26.67
CA HIS A 304 -10.99 25.26 27.14
C HIS A 304 -10.66 26.14 28.33
N PRO A 305 -9.49 25.97 28.98
CA PRO A 305 -9.25 26.82 30.14
C PRO A 305 -9.02 28.29 29.84
N LEU A 306 -8.50 28.60 28.68
CA LEU A 306 -8.24 30.00 28.28
C LEU A 306 -9.23 30.58 27.28
N ALA A 307 -10.24 29.78 26.90
CA ALA A 307 -11.27 30.16 25.94
C ALA A 307 -12.48 29.25 26.12
N SER A 308 -13.57 29.82 26.64
CA SER A 308 -14.84 29.12 26.83
C SER A 308 -16.01 29.98 26.34
N GLY A 309 -17.19 29.38 26.21
CA GLY A 309 -18.45 30.11 26.02
C GLY A 309 -19.60 29.61 26.89
N ALA A 310 -20.70 30.38 26.88
CA ALA A 310 -21.94 30.04 27.53
C ALA A 310 -23.05 30.86 26.85
N SER A 311 -24.30 30.39 26.96
CA SER A 311 -25.53 31.17 26.66
C SER A 311 -26.21 31.47 28.00
N ILE A 312 -26.65 32.72 28.18
CA ILE A 312 -27.47 33.16 29.36
C ILE A 312 -28.72 33.96 28.90
N TYR A 313 -29.64 34.25 29.84
CA TYR A 313 -31.00 34.71 29.46
C TYR A 313 -31.47 35.88 30.21
N SER A 314 -30.57 36.50 30.95
CA SER A 314 -30.96 37.72 31.61
C SER A 314 -29.68 38.48 31.95
N TRP A 315 -29.82 39.80 32.14
CA TRP A 315 -28.68 40.62 32.48
C TRP A 315 -28.30 40.40 33.92
N ASP A 316 -29.26 40.01 34.76
CA ASP A 316 -28.89 39.61 36.13
C ASP A 316 -27.85 38.53 36.13
N GLU A 317 -28.01 37.54 35.24
CA GLU A 317 -27.10 36.41 35.15
C GLU A 317 -25.67 36.89 34.75
N ALA A 318 -25.60 37.90 33.87
CA ALA A 318 -24.33 38.55 33.51
C ALA A 318 -23.61 39.19 34.71
N ASP A 319 -24.31 39.94 35.56
CA ASP A 319 -23.69 40.51 36.77
C ASP A 319 -23.13 39.44 37.74
N ARG A 320 -23.76 38.27 37.81
CA ARG A 320 -23.23 37.19 38.64
C ARG A 320 -21.95 36.61 38.02
N ILE A 321 -21.90 36.58 36.70
CA ILE A 321 -20.73 36.08 35.99
C ILE A 321 -19.59 37.06 36.20
N LEU A 322 -19.95 38.32 36.42
CA LEU A 322 -18.97 39.37 36.65
C LEU A 322 -18.35 39.17 38.02
N ALA A 323 -19.19 39.11 39.05
CA ALA A 323 -18.72 38.90 40.40
C ALA A 323 -17.85 37.66 40.41
N ASP A 324 -18.26 36.56 39.80
CA ASP A 324 -17.38 35.40 39.84
C ASP A 324 -16.08 35.57 39.08
N LEU A 325 -16.11 36.37 38.01
CA LEU A 325 -14.93 36.59 37.20
C LEU A 325 -13.92 37.40 38.00
N GLU A 326 -14.43 38.42 38.66
CA GLU A 326 -13.60 39.20 39.56
C GLU A 326 -12.86 38.35 40.63
N THR A 327 -13.55 37.35 41.18
CA THR A 327 -12.98 36.51 42.22
C THR A 327 -11.94 35.59 41.64
N LEU A 328 -12.25 34.97 40.51
CA LEU A 328 -11.33 34.06 39.85
C LEU A 328 -10.03 34.78 39.54
N CYS A 329 -10.14 36.07 39.23
CA CYS A 329 -8.96 36.89 38.91
C CYS A 329 -8.23 37.27 40.20
N LYS A 330 -8.99 37.69 41.21
CA LYS A 330 -8.41 38.08 42.49
C LYS A 330 -7.58 36.95 43.08
N GLU A 331 -7.96 35.72 42.78
CA GLU A 331 -7.25 34.56 43.29
C GLU A 331 -6.61 33.76 42.15
N SER B 17 21.19 16.17 -21.21
CA SER B 17 22.51 16.35 -21.81
C SER B 17 22.80 15.11 -22.66
N MET B 18 22.72 13.96 -21.99
CA MET B 18 22.78 12.71 -22.69
C MET B 18 21.48 12.36 -23.41
N ALA B 19 20.30 12.78 -22.94
CA ALA B 19 19.07 12.72 -23.80
C ALA B 19 19.23 13.46 -25.15
N SER B 20 19.94 14.59 -25.12
CA SER B 20 20.18 15.38 -26.32
C SER B 20 21.17 14.64 -27.21
N MET B 21 22.27 14.26 -26.54
CA MET B 21 23.24 13.48 -27.30
C MET B 21 22.54 12.37 -28.09
N LYS B 22 21.65 11.65 -27.44
CA LYS B 22 20.92 10.56 -28.08
C LYS B 22 20.15 11.06 -29.31
N THR B 23 19.36 12.12 -29.11
CA THR B 23 18.58 12.70 -30.20
C THR B 23 19.39 13.14 -31.39
N GLU B 24 20.59 13.68 -31.12
CA GLU B 24 21.46 14.12 -32.18
C GLU B 24 21.96 12.89 -33.01
N LEU B 25 22.14 11.75 -32.36
CA LEU B 25 22.61 10.58 -33.06
C LEU B 25 21.60 10.10 -34.02
N ILE B 26 20.35 10.08 -33.57
CA ILE B 26 19.23 9.59 -34.36
C ILE B 26 19.04 10.52 -35.58
N ARG B 27 19.08 11.83 -35.33
CA ARG B 27 19.03 12.82 -36.42
C ARG B 27 20.12 12.67 -37.46
N THR B 28 21.38 12.56 -37.02
CA THR B 28 22.49 12.33 -37.92
C THR B 28 22.25 11.06 -38.70
N ILE B 29 21.88 9.98 -38.01
CA ILE B 29 21.59 8.72 -38.71
C ILE B 29 20.60 8.89 -39.83
N SER B 30 19.49 9.60 -39.60
CA SER B 30 18.45 9.75 -40.62
C SER B 30 19.00 10.47 -41.85
N LEU B 31 20.00 11.33 -41.71
CA LEU B 31 20.55 12.08 -42.85
C LEU B 31 21.45 11.34 -43.87
N TYR B 32 22.15 10.25 -43.50
CA TYR B 32 23.10 9.61 -44.45
C TYR B 32 22.53 8.40 -45.15
N ASP B 33 22.73 8.38 -46.47
CA ASP B 33 22.29 7.27 -47.33
C ASP B 33 23.07 6.01 -47.04
N THR B 34 24.37 6.18 -46.71
CA THR B 34 25.30 5.06 -46.44
C THR B 34 25.88 5.08 -45.00
N ILE B 35 25.68 3.97 -44.28
CA ILE B 35 26.12 3.86 -42.88
C ILE B 35 26.94 2.59 -42.68
N ILE B 36 28.11 2.72 -42.07
CA ILE B 36 29.06 1.63 -41.95
C ILE B 36 29.46 1.56 -40.48
N LEU B 37 29.25 0.39 -39.87
CA LEU B 37 29.47 0.21 -38.44
C LEU B 37 30.64 -0.70 -38.07
N HIS B 38 31.49 -0.22 -37.15
CA HIS B 38 32.69 -0.95 -36.61
C HIS B 38 32.55 -1.21 -35.09
N ARG B 39 33.39 -2.12 -34.61
CA ARG B 39 33.63 -2.30 -33.22
C ARG B 39 35.09 -2.68 -32.97
N HIS B 40 35.41 -3.19 -31.78
CA HIS B 40 36.83 -3.48 -31.42
C HIS B 40 37.39 -4.79 -32.01
N VAL B 41 38.72 -4.81 -32.23
CA VAL B 41 39.45 -6.05 -32.61
C VAL B 41 39.19 -7.14 -31.53
N ARG B 42 39.07 -8.40 -31.95
CA ARG B 42 38.84 -9.55 -31.00
C ARG B 42 37.50 -9.33 -30.31
N PRO B 43 36.44 -9.35 -31.08
CA PRO B 43 35.10 -9.00 -30.60
C PRO B 43 34.61 -10.01 -29.59
N ASP B 44 33.86 -9.52 -28.60
CA ASP B 44 33.23 -10.26 -27.54
C ASP B 44 31.71 -10.08 -27.74
N PRO B 45 30.89 -10.69 -26.92
CA PRO B 45 29.47 -10.55 -27.21
C PRO B 45 28.95 -9.12 -27.21
N ASP B 46 29.48 -8.25 -26.39
CA ASP B 46 28.99 -6.82 -26.35
C ASP B 46 29.24 -6.10 -27.71
N ALA B 47 30.36 -6.45 -28.32
CA ALA B 47 30.77 -5.89 -29.58
C ALA B 47 29.77 -6.27 -30.66
N TYR B 48 29.44 -7.55 -30.70
CA TYR B 48 28.44 -8.01 -31.67
C TYR B 48 27.06 -7.47 -31.36
N GLY B 49 26.67 -7.48 -30.10
CA GLY B 49 25.32 -6.97 -29.75
C GLY B 49 25.08 -5.47 -30.08
N SER B 50 26.10 -4.66 -29.86
CA SER B 50 25.97 -3.25 -30.07
C SER B 50 26.10 -2.98 -31.55
N GLN B 51 27.20 -3.44 -32.17
CA GLN B 51 27.40 -3.14 -33.62
C GLN B 51 26.31 -3.78 -34.47
N CYS B 52 26.11 -5.08 -34.30
CA CYS B 52 25.14 -5.77 -35.10
C CYS B 52 23.67 -5.51 -34.70
N GLY B 53 23.42 -5.33 -33.40
CA GLY B 53 22.11 -4.91 -32.96
C GLY B 53 21.74 -3.58 -33.61
N LEU B 54 22.65 -2.62 -33.55
CA LEU B 54 22.31 -1.32 -34.19
C LEU B 54 22.13 -1.48 -35.71
N THR B 55 22.99 -2.29 -36.31
CA THR B 55 22.93 -2.53 -37.76
C THR B 55 21.54 -3.07 -38.18
N GLU B 56 21.02 -3.99 -37.42
CA GLU B 56 19.75 -4.61 -37.76
C GLU B 56 18.55 -3.68 -37.52
N ILE B 57 18.61 -2.89 -36.47
CA ILE B 57 17.61 -1.83 -36.27
C ILE B 57 17.60 -0.88 -37.47
N LEU B 58 18.77 -0.41 -37.92
CA LEU B 58 18.81 0.48 -39.07
C LEU B 58 18.33 -0.20 -40.37
N ARG B 59 18.72 -1.46 -40.58
CA ARG B 59 18.34 -2.19 -41.77
C ARG B 59 16.82 -2.37 -41.86
N GLU B 60 16.19 -2.59 -40.71
CA GLU B 60 14.75 -2.77 -40.65
C GLU B 60 14.01 -1.45 -40.73
N THR B 61 14.58 -0.41 -40.12
CA THR B 61 13.98 0.92 -40.12
C THR B 61 14.07 1.63 -41.46
N TYR B 62 15.25 1.49 -42.10
CA TYR B 62 15.57 2.19 -43.31
C TYR B 62 16.01 1.24 -44.41
N PRO B 63 15.06 0.51 -45.00
CA PRO B 63 15.43 -0.47 -46.06
C PRO B 63 16.09 0.15 -47.28
N GLU B 64 15.82 1.43 -47.53
CA GLU B 64 16.37 2.15 -48.64
C GLU B 64 17.83 2.57 -48.43
N LYS B 65 18.32 2.59 -47.18
CA LYS B 65 19.72 3.00 -46.91
C LYS B 65 20.66 1.86 -47.21
N ASN B 66 21.96 2.18 -47.41
CA ASN B 66 23.00 1.14 -47.58
C ASN B 66 23.68 1.06 -46.25
N ILE B 67 23.45 -0.03 -45.50
CA ILE B 67 23.96 -0.23 -44.16
C ILE B 67 24.91 -1.43 -44.11
N PHE B 68 26.09 -1.25 -43.54
CA PHE B 68 27.14 -2.32 -43.49
C PHE B 68 27.77 -2.48 -42.13
N ALA B 69 28.04 -3.72 -41.69
CA ALA B 69 28.77 -4.01 -40.45
C ALA B 69 30.10 -4.67 -40.81
N VAL B 70 31.23 -4.06 -40.49
CA VAL B 70 32.53 -4.60 -40.96
C VAL B 70 33.38 -5.12 -39.81
N GLY B 71 34.50 -5.76 -40.12
CA GLY B 71 35.37 -6.31 -39.07
C GLY B 71 35.69 -7.77 -39.39
N THR B 72 36.65 -8.35 -38.68
CA THR B 72 36.91 -9.77 -38.87
C THR B 72 36.03 -10.51 -37.91
N PRO B 73 35.35 -11.59 -38.34
CA PRO B 73 34.48 -12.27 -37.38
C PRO B 73 35.21 -13.03 -36.29
N GLU B 74 34.51 -13.25 -35.18
CA GLU B 74 34.96 -14.15 -34.09
C GLU B 74 34.24 -15.50 -34.36
N PRO B 75 35.03 -16.58 -34.52
CA PRO B 75 34.44 -17.91 -34.82
C PRO B 75 33.36 -18.34 -33.87
N SER B 76 33.62 -18.20 -32.55
CA SER B 76 32.63 -18.57 -31.50
C SER B 76 31.37 -17.69 -31.48
N LEU B 77 31.35 -16.55 -32.19
CA LEU B 77 30.17 -15.66 -32.14
C LEU B 77 29.55 -15.43 -33.49
N SER B 78 30.04 -16.10 -34.54
CA SER B 78 29.58 -15.77 -35.91
C SER B 78 28.17 -16.23 -36.10
N PHE B 79 27.70 -17.13 -35.25
CA PHE B 79 26.32 -17.48 -35.31
C PHE B 79 25.34 -16.32 -35.10
N LEU B 80 25.77 -15.24 -34.46
CA LEU B 80 24.88 -14.15 -34.15
C LEU B 80 24.54 -13.36 -35.43
N TYR B 81 25.56 -13.12 -36.29
CA TYR B 81 25.34 -12.26 -37.44
C TYR B 81 26.51 -12.45 -38.35
N SER B 82 26.25 -12.34 -39.66
CA SER B 82 27.31 -12.42 -40.67
C SER B 82 27.68 -11.00 -41.07
N LEU B 83 28.97 -10.70 -41.14
CA LEU B 83 29.44 -9.35 -41.48
C LEU B 83 29.55 -9.08 -42.98
N ASP B 84 29.88 -7.83 -43.33
CA ASP B 84 30.02 -7.43 -44.70
C ASP B 84 31.45 -7.13 -45.02
N GLU B 85 31.78 -7.20 -46.31
CA GLU B 85 33.07 -6.77 -46.80
C GLU B 85 32.78 -5.65 -47.72
N VAL B 86 33.38 -4.49 -47.52
CA VAL B 86 33.08 -3.33 -48.38
C VAL B 86 34.36 -2.77 -48.95
N ASP B 87 34.26 -2.23 -50.17
CA ASP B 87 35.37 -1.55 -50.88
C ASP B 87 35.58 -0.17 -50.33
N ASN B 88 36.77 0.40 -50.53
CA ASN B 88 37.08 1.75 -50.02
C ASN B 88 36.02 2.81 -50.47
N GLU B 89 35.52 2.66 -51.69
CA GLU B 89 34.59 3.61 -52.30
C GLU B 89 33.40 3.84 -51.40
N THR B 90 32.81 2.74 -50.97
CA THR B 90 31.65 2.78 -50.11
C THR B 90 31.70 3.76 -48.95
N TYR B 91 32.91 4.08 -48.45
CA TYR B 91 33.07 5.05 -47.40
C TYR B 91 32.83 6.45 -47.88
N GLU B 92 32.93 6.73 -49.18
CA GLU B 92 32.81 8.12 -49.65
C GLU B 92 31.43 8.71 -49.34
N GLY B 93 31.46 9.81 -48.60
CA GLY B 93 30.25 10.47 -48.10
C GLY B 93 29.46 9.66 -47.06
N ALA B 94 30.01 8.54 -46.55
CA ALA B 94 29.30 7.73 -45.54
C ALA B 94 29.37 8.24 -44.09
N LEU B 95 28.36 7.85 -43.32
CA LEU B 95 28.39 7.97 -41.85
C LEU B 95 29.05 6.70 -41.33
N VAL B 96 30.08 6.83 -40.52
CA VAL B 96 30.70 5.66 -39.85
C VAL B 96 30.43 5.71 -38.34
N ILE B 97 30.00 4.59 -37.77
CA ILE B 97 29.65 4.48 -36.37
C ILE B 97 30.53 3.43 -35.72
N VAL B 98 31.29 3.79 -34.69
CA VAL B 98 32.14 2.84 -33.99
C VAL B 98 31.53 2.60 -32.56
N CYS B 99 31.21 1.34 -32.31
CA CYS B 99 30.67 0.83 -31.05
C CYS B 99 31.74 0.18 -30.13
N ASP B 100 31.65 0.43 -28.84
CA ASP B 100 32.33 -0.38 -27.82
C ASP B 100 33.87 -0.40 -27.98
N THR B 101 34.50 0.66 -28.48
CA THR B 101 35.94 0.68 -28.64
C THR B 101 36.51 1.93 -27.96
N ALA B 102 37.19 1.78 -26.83
CA ALA B 102 37.74 2.96 -26.11
C ALA B 102 38.90 3.70 -26.86
N ASN B 103 39.72 2.92 -27.54
CA ASN B 103 40.92 3.41 -28.25
C ASN B 103 40.87 3.18 -29.76
N GLN B 104 41.17 4.22 -30.48
CA GLN B 104 41.14 4.17 -31.94
C GLN B 104 41.99 3.05 -32.53
N GLU B 105 43.14 2.75 -31.88
CA GLU B 105 44.10 1.76 -32.39
C GLU B 105 43.48 0.38 -32.30
N ARG B 106 42.49 0.17 -31.43
CA ARG B 106 41.77 -1.11 -31.31
C ARG B 106 40.50 -1.25 -32.15
N ILE B 107 40.20 -0.27 -33.02
CA ILE B 107 39.01 -0.36 -33.91
C ILE B 107 39.35 -1.32 -34.99
N ASP B 108 38.45 -2.29 -35.32
CA ASP B 108 38.65 -3.37 -36.26
C ASP B 108 38.20 -2.80 -37.56
N ASP B 109 39.11 -2.70 -38.48
CA ASP B 109 39.02 -1.99 -39.74
C ASP B 109 39.34 -0.51 -39.53
N GLN B 110 40.59 -0.20 -39.89
CA GLN B 110 41.23 1.11 -39.82
C GLN B 110 40.71 2.17 -40.78
N ARG B 111 39.83 1.81 -41.68
CA ARG B 111 39.21 2.78 -42.62
C ARG B 111 38.12 3.58 -41.94
N TYR B 112 37.85 3.34 -40.62
CA TYR B 112 36.81 4.14 -39.91
C TYR B 112 36.79 5.68 -40.12
N PRO B 113 37.96 6.40 -40.26
CA PRO B 113 37.86 7.87 -40.47
C PRO B 113 37.71 8.35 -41.89
N SER B 114 37.44 7.47 -42.83
CA SER B 114 37.46 7.81 -44.26
C SER B 114 36.09 8.22 -44.78
N GLY B 115 35.07 8.26 -43.89
CA GLY B 115 33.74 8.70 -44.29
C GLY B 115 33.53 10.20 -44.18
N ALA B 116 32.30 10.65 -44.40
CA ALA B 116 31.99 12.06 -44.21
C ALA B 116 31.80 12.45 -42.73
N LYS B 117 31.36 11.51 -41.86
CA LYS B 117 31.17 11.76 -40.45
C LYS B 117 31.54 10.50 -39.65
N LEU B 118 31.97 10.72 -38.40
CA LEU B 118 32.38 9.67 -37.47
C LEU B 118 31.54 9.82 -36.14
N MET B 119 30.90 8.75 -35.69
CA MET B 119 30.10 8.73 -34.48
C MET B 119 30.70 7.69 -33.51
N LYS B 120 30.96 8.07 -32.25
CA LYS B 120 31.41 7.17 -31.22
C LYS B 120 30.28 6.85 -30.25
N ILE B 121 30.02 5.55 -30.06
CA ILE B 121 29.18 5.02 -29.03
C ILE B 121 29.92 4.02 -28.12
N ASP B 122 30.10 4.36 -26.84
CA ASP B 122 30.86 3.51 -25.96
C ASP B 122 30.47 3.71 -24.47
N ALA B 123 30.84 2.74 -23.65
CA ALA B 123 30.66 2.76 -22.21
C ALA B 123 31.93 2.75 -21.38
N HIS B 124 33.09 2.95 -22.01
CA HIS B 124 34.36 3.02 -21.33
C HIS B 124 34.84 4.48 -21.22
N PRO B 125 35.66 4.81 -20.21
CA PRO B 125 36.12 6.19 -20.00
C PRO B 125 36.63 6.78 -21.30
N ASN B 126 36.23 8.01 -21.59
CA ASN B 126 36.52 8.72 -22.83
C ASN B 126 37.96 9.28 -22.92
N GLU B 127 38.95 8.42 -22.71
CA GLU B 127 40.38 8.75 -22.79
C GLU B 127 40.84 9.13 -24.18
N ASP B 128 40.18 8.59 -25.19
CA ASP B 128 40.46 8.83 -26.58
C ASP B 128 39.16 9.38 -27.19
N PRO B 129 38.98 10.71 -27.09
CA PRO B 129 37.74 11.35 -27.43
C PRO B 129 37.56 11.60 -28.93
N TYR B 130 37.45 10.52 -29.69
CA TYR B 130 37.43 10.58 -31.16
C TYR B 130 35.99 10.73 -31.59
N GLY B 131 35.78 11.26 -32.82
CA GLY B 131 34.42 11.25 -33.43
C GLY B 131 33.88 12.67 -33.58
N ASP B 132 32.92 12.83 -34.49
CA ASP B 132 32.28 14.11 -34.71
C ASP B 132 31.05 14.19 -33.81
N LEU B 133 30.57 13.02 -33.42
CA LEU B 133 29.41 12.90 -32.54
C LEU B 133 29.69 11.79 -31.52
N LEU B 134 29.90 12.19 -30.27
CA LEU B 134 30.20 11.22 -29.21
C LEU B 134 29.11 11.01 -28.19
N TRP B 135 28.87 9.75 -27.86
CA TRP B 135 27.89 9.38 -26.79
C TRP B 135 28.62 8.31 -26.01
N VAL B 136 29.22 8.75 -24.92
CA VAL B 136 29.93 7.90 -23.98
C VAL B 136 29.17 7.92 -22.64
N ASP B 137 28.84 6.76 -22.11
CA ASP B 137 28.15 6.64 -20.85
C ASP B 137 28.79 5.57 -20.02
N THR B 138 29.65 5.97 -19.10
CA THR B 138 30.26 4.99 -18.22
C THR B 138 29.31 4.34 -17.21
N SER B 139 28.02 4.70 -17.16
CA SER B 139 27.04 4.03 -16.30
C SER B 139 26.38 2.82 -16.85
N ALA B 140 26.40 2.72 -18.17
CA ALA B 140 25.80 1.59 -18.83
C ALA B 140 26.60 0.36 -18.47
N SER B 141 25.91 -0.78 -18.39
CA SER B 141 26.54 -2.07 -18.14
C SER B 141 27.42 -2.45 -19.32
N SER B 142 26.97 -2.08 -20.50
CA SER B 142 27.48 -2.50 -21.77
C SER B 142 26.99 -1.54 -22.90
N VAL B 143 27.64 -1.62 -24.07
CA VAL B 143 27.20 -0.85 -25.19
C VAL B 143 25.89 -1.42 -25.74
N SER B 144 25.69 -2.72 -25.59
CA SER B 144 24.40 -3.30 -25.98
C SER B 144 23.20 -2.67 -25.23
N GLU B 145 23.37 -2.41 -23.95
CA GLU B 145 22.37 -1.68 -23.21
C GLU B 145 22.15 -0.21 -23.76
N MET B 146 23.26 0.46 -24.08
CA MET B 146 23.21 1.77 -24.73
C MET B 146 22.41 1.71 -26.01
N ILE B 147 22.58 0.67 -26.81
CA ILE B 147 21.82 0.61 -28.08
C ILE B 147 20.36 0.41 -27.79
N TYR B 148 20.00 -0.37 -26.76
CA TYR B 148 18.61 -0.49 -26.44
C TYR B 148 18.08 0.91 -26.03
N GLU B 149 18.80 1.63 -25.20
CA GLU B 149 18.35 2.92 -24.76
C GLU B 149 18.18 3.88 -26.02
N LEU B 150 19.07 3.76 -26.99
CA LEU B 150 18.97 4.57 -28.20
C LEU B 150 17.73 4.21 -28.96
N TYR B 151 17.42 2.91 -29.08
CA TYR B 151 16.18 2.45 -29.74
C TYR B 151 14.86 3.02 -29.02
N LEU B 152 14.86 3.05 -27.68
CA LEU B 152 13.72 3.56 -26.91
C LEU B 152 13.44 5.05 -27.30
N GLU B 153 14.50 5.87 -27.44
CA GLU B 153 14.42 7.24 -27.91
C GLU B 153 14.04 7.26 -29.41
N GLY B 154 14.66 6.41 -30.21
CA GLY B 154 14.38 6.37 -31.65
C GLY B 154 12.99 5.96 -32.08
N LYS B 155 12.27 5.26 -31.20
CA LYS B 155 10.92 4.80 -31.52
C LYS B 155 10.06 5.94 -32.05
N GLU B 156 9.98 7.03 -31.29
CA GLU B 156 9.19 8.19 -31.67
C GLU B 156 9.54 8.65 -33.09
N HIS B 157 10.78 8.39 -33.50
CA HIS B 157 11.23 8.77 -34.82
C HIS B 157 11.01 7.69 -35.87
N GLY B 158 10.35 6.59 -35.53
CA GLY B 158 10.11 5.52 -36.51
C GLY B 158 11.01 4.28 -36.43
N TRP B 159 11.89 4.23 -35.45
CA TRP B 159 12.79 3.09 -35.32
C TRP B 159 12.01 1.84 -35.03
N LYS B 160 12.44 0.75 -35.60
CA LYS B 160 11.76 -0.54 -35.43
C LYS B 160 12.74 -1.63 -35.04
N LEU B 161 12.45 -2.30 -33.93
CA LEU B 161 13.31 -3.37 -33.43
C LEU B 161 12.69 -4.75 -33.71
N ASN B 162 13.26 -5.47 -34.66
CA ASN B 162 12.77 -6.79 -35.02
C ASN B 162 13.19 -7.85 -33.99
N THR B 163 12.94 -9.11 -34.30
CA THR B 163 13.29 -10.20 -33.42
C THR B 163 14.80 -10.47 -33.39
N LYS B 164 15.41 -10.38 -34.56
CA LYS B 164 16.85 -10.59 -34.69
C LYS B 164 17.60 -9.51 -33.92
N ALA B 165 17.13 -8.26 -34.03
CA ALA B 165 17.79 -7.18 -33.31
C ALA B 165 17.67 -7.29 -31.81
N ALA B 166 16.48 -7.72 -31.35
CA ALA B 166 16.26 -8.00 -29.89
C ALA B 166 17.17 -9.08 -29.41
N GLU B 167 17.31 -10.13 -30.21
CA GLU B 167 18.18 -11.25 -29.77
C GLU B 167 19.65 -10.82 -29.67
N LEU B 168 20.07 -9.99 -30.63
CA LEU B 168 21.44 -9.45 -30.65
C LEU B 168 21.72 -8.64 -29.42
N ILE B 169 20.83 -7.72 -29.14
CA ILE B 169 21.00 -6.89 -27.98
C ILE B 169 21.00 -7.71 -26.68
N TYR B 170 20.10 -8.68 -26.59
CA TYR B 170 20.02 -9.63 -25.41
C TYR B 170 21.30 -10.39 -25.26
N ALA B 171 21.84 -10.88 -26.38
CA ALA B 171 23.13 -11.62 -26.38
C ALA B 171 24.27 -10.80 -25.84
N GLY B 172 24.33 -9.55 -26.27
CA GLY B 172 25.36 -8.62 -25.73
C GLY B 172 25.29 -8.38 -24.22
N ILE B 173 24.07 -8.12 -23.74
CA ILE B 173 23.85 -7.89 -22.31
C ILE B 173 24.09 -9.17 -21.54
N VAL B 174 23.63 -10.27 -22.04
CA VAL B 174 23.83 -11.53 -21.34
C VAL B 174 25.32 -11.91 -21.41
N GLY B 175 26.02 -11.51 -22.48
CA GLY B 175 27.39 -11.92 -22.69
C GLY B 175 28.38 -11.05 -21.94
N ASP B 176 28.01 -9.79 -21.73
CA ASP B 176 28.86 -8.86 -21.01
C ASP B 176 28.69 -8.89 -19.53
N THR B 177 27.56 -9.40 -19.06
CA THR B 177 27.30 -9.48 -17.63
C THR B 177 27.41 -10.89 -17.06
N GLY B 178 27.75 -11.86 -17.90
CA GLY B 178 27.88 -13.23 -17.44
C GLY B 178 26.53 -13.71 -16.93
N ARG B 179 25.49 -13.32 -17.67
CA ARG B 179 24.10 -13.64 -17.35
C ARG B 179 23.69 -13.22 -15.94
N PHE B 180 23.73 -11.90 -15.77
CA PHE B 180 23.36 -11.23 -14.54
C PHE B 180 24.16 -11.70 -13.32
N LEU B 181 25.44 -11.98 -13.56
CA LEU B 181 26.37 -12.38 -12.50
C LEU B 181 27.32 -11.29 -12.08
N PHE B 182 27.87 -10.53 -13.03
CA PHE B 182 28.99 -9.66 -12.76
C PHE B 182 28.49 -8.31 -12.18
N PRO B 183 29.40 -7.55 -11.51
CA PRO B 183 28.97 -6.33 -10.88
C PRO B 183 28.57 -5.21 -11.84
N ASN B 184 28.65 -5.39 -13.17
CA ASN B 184 28.20 -4.33 -14.10
C ASN B 184 26.71 -4.44 -14.33
N THR B 185 26.13 -5.52 -13.81
CA THR B 185 24.66 -5.70 -13.81
C THR B 185 23.97 -4.70 -12.91
N THR B 186 23.12 -3.85 -13.51
CA THR B 186 22.29 -2.88 -12.75
C THR B 186 20.79 -3.21 -12.90
N GLU B 187 19.96 -2.40 -12.24
CA GLU B 187 18.52 -2.54 -12.37
C GLU B 187 18.11 -2.28 -13.83
N LYS B 188 18.75 -1.33 -14.50
CA LYS B 188 18.41 -1.05 -15.89
C LYS B 188 18.69 -2.26 -16.75
N THR B 189 19.78 -2.96 -16.45
CA THR B 189 20.14 -4.15 -17.23
C THR B 189 19.04 -5.23 -17.16
N LEU B 190 18.53 -5.49 -15.97
CA LEU B 190 17.54 -6.53 -15.80
C LEU B 190 16.19 -6.11 -16.39
N LYS B 191 15.81 -4.83 -16.25
CA LYS B 191 14.51 -4.36 -16.82
C LYS B 191 14.53 -4.48 -18.32
N TYR B 192 15.65 -4.08 -18.92
CA TYR B 192 15.76 -4.20 -20.36
C TYR B 192 15.76 -5.65 -20.79
N ALA B 193 16.41 -6.52 -20.02
CA ALA B 193 16.39 -7.94 -20.40
C ALA B 193 14.96 -8.46 -20.43
N GLY B 194 14.16 -8.00 -19.48
CA GLY B 194 12.75 -8.37 -19.43
C GLY B 194 11.98 -7.87 -20.59
N GLU B 195 12.25 -6.65 -21.03
CA GLU B 195 11.54 -6.16 -22.25
C GLU B 195 11.97 -6.97 -23.51
N LEU B 196 13.24 -7.35 -23.58
CA LEU B 196 13.76 -8.02 -24.78
C LEU B 196 13.34 -9.48 -24.85
N ILE B 197 13.36 -10.20 -23.74
CA ILE B 197 13.00 -11.63 -23.80
C ILE B 197 11.54 -11.86 -24.24
N GLN B 198 10.71 -10.81 -24.29
CA GLN B 198 9.35 -10.89 -24.87
C GLN B 198 9.30 -11.08 -26.38
N TYR B 199 10.43 -10.89 -27.07
CA TYR B 199 10.45 -11.08 -28.51
C TYR B 199 10.59 -12.58 -28.75
N PRO B 200 10.04 -13.11 -29.87
CA PRO B 200 10.06 -14.52 -30.09
C PRO B 200 11.34 -15.04 -30.67
N PHE B 201 12.45 -14.85 -29.97
CA PHE B 201 13.69 -15.60 -30.27
C PHE B 201 13.80 -16.61 -29.18
N SER B 202 14.60 -17.63 -29.38
CA SER B 202 14.78 -18.65 -28.39
C SER B 202 15.89 -18.33 -27.42
N SER B 203 15.57 -17.96 -26.19
CA SER B 203 16.61 -17.72 -25.20
C SER B 203 17.43 -19.01 -25.05
N SER B 204 16.74 -20.16 -25.01
CA SER B 204 17.39 -21.45 -24.91
C SER B 204 18.48 -21.68 -25.97
N GLU B 205 18.10 -21.58 -27.24
CA GLU B 205 19.05 -21.78 -28.33
C GLU B 205 20.22 -20.79 -28.26
N LEU B 206 19.91 -19.55 -27.90
CA LEU B 206 20.93 -18.48 -27.79
C LEU B 206 21.95 -18.92 -26.77
N PHE B 207 21.48 -19.38 -25.60
CA PHE B 207 22.40 -19.86 -24.53
C PHE B 207 23.26 -21.05 -24.96
N ASN B 208 22.65 -21.97 -25.71
CA ASN B 208 23.38 -23.15 -26.18
C ASN B 208 24.57 -22.69 -27.01
N GLN B 209 24.29 -21.84 -28.01
CA GLN B 209 25.33 -21.35 -28.92
C GLN B 209 26.35 -20.44 -28.25
N LEU B 210 25.92 -19.77 -27.19
CA LEU B 210 26.77 -18.85 -26.44
C LEU B 210 27.71 -19.59 -25.50
N TYR B 211 27.25 -20.75 -25.04
CA TYR B 211 28.05 -21.56 -24.09
C TYR B 211 28.72 -22.79 -24.74
N GLU B 212 28.45 -23.06 -26.01
CA GLU B 212 29.20 -24.15 -26.71
C GLU B 212 30.70 -24.18 -26.35
N THR B 213 31.22 -25.30 -25.84
CA THR B 213 32.65 -25.50 -25.62
C THR B 213 33.20 -26.68 -26.36
N LYS B 214 34.31 -26.51 -27.07
CA LYS B 214 34.90 -27.67 -27.80
C LYS B 214 35.29 -28.79 -26.82
N LEU B 215 35.17 -30.06 -27.27
CA LEU B 215 35.38 -31.23 -26.38
C LEU B 215 36.75 -31.33 -25.73
N ASN B 216 37.75 -31.02 -26.55
CA ASN B 216 39.12 -31.12 -26.03
C ASN B 216 39.41 -30.13 -24.85
N VAL B 217 38.83 -28.93 -24.96
CA VAL B 217 38.82 -27.90 -23.89
C VAL B 217 38.04 -28.43 -22.66
N VAL B 218 36.89 -29.02 -22.92
CA VAL B 218 36.14 -29.67 -21.83
C VAL B 218 37.00 -30.70 -21.15
N LYS B 219 37.73 -31.53 -21.92
CA LYS B 219 38.51 -32.58 -21.28
C LYS B 219 39.72 -32.00 -20.50
N LEU B 220 40.34 -30.94 -21.00
CA LEU B 220 41.42 -30.29 -20.26
C LEU B 220 40.82 -29.70 -18.97
N ASN B 221 39.63 -29.11 -19.08
CA ASN B 221 38.95 -28.60 -17.88
C ASN B 221 38.73 -29.68 -16.86
N GLY B 222 38.50 -30.90 -17.34
CA GLY B 222 38.42 -32.06 -16.42
C GLY B 222 39.72 -32.46 -15.75
N PHE B 223 40.80 -32.44 -16.53
CA PHE B 223 42.12 -32.64 -16.00
C PHE B 223 42.34 -31.62 -14.90
N ILE B 224 42.06 -30.38 -15.19
CA ILE B 224 42.30 -29.31 -14.21
C ILE B 224 41.50 -29.49 -12.93
N PHE B 225 40.19 -29.70 -13.04
CA PHE B 225 39.39 -30.02 -11.85
C PHE B 225 39.89 -31.24 -11.07
N GLN B 226 40.31 -32.36 -11.72
CA GLN B 226 40.82 -33.52 -10.93
C GLN B 226 42.20 -33.28 -10.29
N ASN B 227 43.00 -32.38 -10.83
CA ASN B 227 44.38 -32.21 -10.29
C ASN B 227 44.61 -30.94 -9.53
N VAL B 228 43.54 -30.23 -9.15
CA VAL B 228 43.71 -29.00 -8.40
C VAL B 228 44.07 -29.37 -6.96
N SER B 229 45.16 -28.76 -6.44
CA SER B 229 45.55 -28.94 -5.02
C SER B 229 44.95 -27.83 -4.24
N LEU B 230 44.38 -28.12 -3.09
CA LEU B 230 43.93 -27.03 -2.17
C LEU B 230 44.54 -27.26 -0.80
N SER B 231 45.27 -26.28 -0.23
CA SER B 231 45.86 -26.40 1.13
C SER B 231 44.91 -25.99 2.24
N GLU B 232 45.30 -26.32 3.47
CA GLU B 232 44.52 -25.95 4.64
C GLU B 232 44.27 -24.44 4.62
N ASN B 233 45.23 -23.67 4.11
CA ASN B 233 45.05 -22.20 4.05
C ASN B 233 44.32 -21.62 2.84
N GLY B 234 43.75 -22.48 1.99
CA GLY B 234 42.98 -22.05 0.84
C GLY B 234 43.81 -21.64 -0.40
N ALA B 235 45.10 -22.00 -0.42
CA ALA B 235 45.95 -21.78 -1.59
C ALA B 235 45.78 -22.96 -2.53
N ALA B 236 45.53 -22.64 -3.82
CA ALA B 236 45.38 -23.66 -4.86
C ALA B 236 46.36 -23.50 -6.03
N SER B 237 46.83 -24.63 -6.58
CA SER B 237 47.63 -24.60 -7.81
C SER B 237 47.17 -25.64 -8.82
N VAL B 238 47.42 -25.33 -10.09
CA VAL B 238 47.35 -26.28 -11.16
C VAL B 238 48.53 -26.10 -12.12
N PHE B 239 49.22 -27.20 -12.44
CA PHE B 239 50.32 -27.22 -13.47
C PHE B 239 49.85 -27.78 -14.83
N ILE B 240 49.96 -27.00 -15.90
CA ILE B 240 49.60 -27.41 -17.27
C ILE B 240 50.87 -27.44 -18.11
N LYS B 241 51.54 -28.59 -18.07
CA LYS B 241 52.80 -28.80 -18.87
C LYS B 241 52.54 -29.21 -20.32
N LYS B 242 53.56 -29.07 -21.14
CA LYS B 242 53.43 -29.41 -22.54
C LYS B 242 52.91 -30.79 -22.78
N ASP B 243 53.30 -31.75 -21.96
CA ASP B 243 52.76 -33.13 -22.20
C ASP B 243 51.24 -33.20 -22.02
N THR B 244 50.74 -32.41 -21.07
CA THR B 244 49.30 -32.31 -20.89
C THR B 244 48.65 -31.58 -22.04
N LEU B 245 49.25 -30.52 -22.57
CA LEU B 245 48.63 -29.81 -23.72
C LEU B 245 48.53 -30.71 -24.97
N GLU B 246 49.59 -31.49 -25.18
CA GLU B 246 49.64 -32.45 -26.28
C GLU B 246 48.65 -33.60 -26.07
N LYS B 247 48.55 -34.16 -24.86
CA LYS B 247 47.54 -35.16 -24.58
C LYS B 247 46.09 -34.77 -24.95
N PHE B 248 45.70 -33.50 -24.73
CA PHE B 248 44.33 -33.04 -25.00
C PHE B 248 44.24 -32.31 -26.32
N GLY B 249 45.38 -32.01 -26.94
CA GLY B 249 45.35 -31.26 -28.18
C GLY B 249 44.85 -29.84 -28.00
N THR B 250 45.22 -29.20 -26.89
CA THR B 250 44.79 -27.81 -26.61
C THR B 250 46.00 -26.88 -26.71
N THR B 251 45.74 -25.65 -27.15
CA THR B 251 46.77 -24.59 -27.07
C THR B 251 47.02 -24.13 -25.63
N ALA B 252 48.17 -23.51 -25.43
CA ALA B 252 48.49 -22.87 -24.14
C ALA B 252 47.45 -21.77 -23.80
N SER B 253 47.03 -21.07 -24.84
CA SER B 253 45.98 -20.09 -24.77
C SER B 253 44.63 -20.66 -24.24
N GLU B 254 44.19 -21.77 -24.81
CA GLU B 254 42.95 -22.42 -24.39
C GLU B 254 43.07 -22.89 -22.97
N ALA B 255 44.24 -23.37 -22.59
CA ALA B 255 44.51 -23.74 -21.22
C ALA B 255 44.45 -22.56 -20.28
N SER B 256 45.10 -21.47 -20.71
CA SER B 256 45.17 -20.26 -19.87
C SER B 256 43.75 -19.72 -19.64
N GLN B 257 42.86 -19.81 -20.65
CA GLN B 257 41.48 -19.32 -20.57
C GLN B 257 40.65 -20.02 -19.47
N LEU B 258 41.13 -21.12 -18.89
CA LEU B 258 40.35 -21.83 -17.89
C LEU B 258 40.67 -21.37 -16.46
N VAL B 259 41.54 -20.36 -16.31
CA VAL B 259 42.02 -19.97 -14.96
C VAL B 259 40.85 -19.57 -13.98
N GLY B 260 39.78 -19.01 -14.52
CA GLY B 260 38.61 -18.58 -13.76
C GLY B 260 37.67 -19.68 -13.28
N THR B 261 37.84 -20.91 -13.76
CA THR B 261 36.85 -21.98 -13.50
C THR B 261 37.07 -22.59 -12.09
N LEU B 262 38.16 -22.28 -11.42
CA LEU B 262 38.37 -22.69 -10.01
C LEU B 262 37.56 -21.89 -8.94
N GLY B 263 36.87 -20.85 -9.37
CA GLY B 263 36.44 -19.80 -8.44
C GLY B 263 35.37 -20.22 -7.44
N ASN B 264 34.65 -21.30 -7.75
CA ASN B 264 33.56 -21.78 -6.90
C ASN B 264 33.91 -22.98 -6.04
N ILE B 265 35.20 -23.38 -6.00
CA ILE B 265 35.66 -24.42 -5.05
C ILE B 265 35.63 -23.89 -3.61
N SER B 266 35.04 -24.69 -2.74
CA SER B 266 34.77 -24.34 -1.38
C SER B 266 36.11 -24.25 -0.63
N GLY B 267 36.31 -23.14 0.07
CA GLY B 267 37.53 -22.93 0.85
C GLY B 267 38.65 -22.24 0.06
N ILE B 268 38.45 -22.04 -1.24
CA ILE B 268 39.51 -21.48 -2.13
C ILE B 268 39.70 -19.99 -1.83
N ARG B 269 40.94 -19.56 -1.62
CA ARG B 269 41.22 -18.11 -1.32
C ARG B 269 42.00 -17.44 -2.46
N ALA B 270 43.05 -18.11 -2.90
CA ALA B 270 43.83 -17.65 -4.00
C ALA B 270 44.41 -18.83 -4.73
N TRP B 271 44.67 -18.62 -6.03
CA TRP B 271 45.24 -19.65 -6.88
C TRP B 271 46.17 -19.20 -7.98
N VAL B 272 46.97 -20.15 -8.42
CA VAL B 272 47.88 -19.94 -9.54
C VAL B 272 47.72 -21.08 -10.51
N PHE B 273 47.75 -20.68 -11.80
CA PHE B 273 47.87 -21.52 -12.99
C PHE B 273 49.28 -21.34 -13.59
N PHE B 274 50.02 -22.43 -13.63
CA PHE B 274 51.22 -22.51 -14.50
C PHE B 274 50.92 -23.19 -15.84
N VAL B 275 51.07 -22.43 -16.94
CA VAL B 275 50.86 -22.89 -18.35
C VAL B 275 52.20 -22.82 -19.16
N GLU B 276 52.77 -23.99 -19.49
CA GLU B 276 54.02 -24.06 -20.29
C GLU B 276 53.78 -23.59 -21.72
N GLU B 277 54.50 -22.55 -22.17
CA GLU B 277 54.41 -22.01 -23.52
C GLU B 277 55.75 -22.28 -24.18
N ASP B 278 55.91 -21.83 -25.42
CA ASP B 278 57.15 -22.04 -26.18
C ASP B 278 58.39 -21.40 -25.56
N ASP B 279 58.32 -20.13 -25.16
CA ASP B 279 59.49 -19.43 -24.61
C ASP B 279 59.58 -19.38 -23.08
N GLN B 280 58.49 -19.69 -22.39
CA GLN B 280 58.44 -19.66 -20.89
C GLN B 280 57.27 -20.41 -20.28
N ILE B 281 57.15 -20.39 -18.96
CA ILE B 281 55.95 -20.80 -18.21
C ILE B 281 55.11 -19.57 -17.79
N ARG B 282 53.88 -19.43 -18.34
CA ARG B 282 52.99 -18.31 -18.02
C ARG B 282 52.33 -18.58 -16.66
N VAL B 283 52.30 -17.55 -15.82
CA VAL B 283 51.69 -17.60 -14.48
C VAL B 283 50.49 -16.64 -14.53
N ARG B 284 49.27 -17.18 -14.27
CA ARG B 284 48.08 -16.38 -14.01
C ARG B 284 47.70 -16.59 -12.53
N PHE B 285 47.67 -15.48 -11.78
CA PHE B 285 47.36 -15.43 -10.32
C PHE B 285 45.96 -14.91 -10.17
N ARG B 286 45.14 -15.61 -9.39
CA ARG B 286 43.75 -15.21 -9.11
C ARG B 286 43.44 -15.34 -7.59
N SER B 287 42.63 -14.42 -7.05
CA SER B 287 42.27 -14.47 -5.64
C SER B 287 40.91 -13.84 -5.34
N LYS B 288 40.18 -14.42 -4.40
CA LYS B 288 38.93 -13.85 -4.01
C LYS B 288 39.10 -13.16 -2.66
N GLY B 289 40.33 -12.93 -2.21
CA GLY B 289 40.49 -12.25 -0.95
C GLY B 289 41.85 -11.62 -0.85
N PRO B 290 42.84 -12.48 -0.67
CA PRO B 290 44.22 -12.06 -0.57
C PRO B 290 44.64 -11.47 -1.91
N VAL B 291 45.28 -10.34 -1.73
CA VAL B 291 46.09 -9.46 -2.59
C VAL B 291 47.30 -10.36 -2.99
N ILE B 292 47.39 -10.45 -4.37
CA ILE B 292 48.48 -11.27 -4.96
C ILE B 292 49.31 -10.48 -6.00
N ASN B 293 49.05 -9.18 -6.18
CA ASN B 293 49.85 -8.42 -7.11
C ASN B 293 51.28 -8.16 -6.59
N GLY B 294 51.49 -8.11 -5.26
CA GLY B 294 52.84 -7.99 -4.69
C GLY B 294 53.59 -9.29 -4.89
N LEU B 295 52.88 -10.44 -4.78
CA LEU B 295 53.50 -11.73 -5.15
C LEU B 295 53.94 -11.74 -6.65
N ALA B 296 53.06 -11.28 -7.51
CA ALA B 296 53.34 -11.31 -8.95
C ALA B 296 54.59 -10.43 -9.28
N ARG B 297 54.64 -9.27 -8.62
CA ARG B 297 55.75 -8.35 -8.77
C ARG B 297 57.01 -9.10 -8.35
N LYS B 298 57.04 -9.59 -7.10
CA LYS B 298 58.20 -10.35 -6.66
C LYS B 298 58.75 -11.22 -7.76
N TYR B 299 57.88 -11.76 -8.64
CA TYR B 299 58.31 -12.59 -9.80
C TYR B 299 58.36 -11.84 -11.15
N ASN B 300 58.56 -10.52 -11.06
CA ASN B 300 58.84 -9.63 -12.18
C ASN B 300 57.63 -9.33 -13.02
N GLY B 301 56.44 -9.70 -12.50
CA GLY B 301 55.18 -9.44 -13.16
C GLY B 301 54.44 -8.30 -12.49
N GLY B 302 53.11 -8.41 -12.45
CA GLY B 302 52.25 -7.44 -11.77
C GLY B 302 50.83 -7.58 -12.29
N GLY B 303 50.01 -6.59 -12.01
CA GLY B 303 48.61 -6.58 -12.38
C GLY B 303 47.78 -6.06 -11.21
N HIS B 304 46.53 -6.52 -11.14
CA HIS B 304 45.54 -6.05 -10.19
C HIS B 304 45.59 -6.86 -8.93
N PRO B 305 44.96 -6.36 -7.87
CA PRO B 305 45.11 -7.04 -6.56
C PRO B 305 44.65 -8.51 -6.49
N LEU B 306 43.63 -8.81 -7.30
CA LEU B 306 42.95 -10.09 -7.34
C LEU B 306 43.14 -10.78 -8.71
N ALA B 307 43.86 -10.14 -9.61
CA ALA B 307 44.18 -10.73 -10.90
C ALA B 307 45.50 -10.18 -11.47
N SER B 308 46.52 -11.03 -11.51
CA SER B 308 47.86 -10.64 -11.94
C SER B 308 48.50 -11.77 -12.78
N GLY B 309 49.69 -11.48 -13.29
CA GLY B 309 50.44 -12.39 -14.14
C GLY B 309 51.94 -12.23 -13.99
N ALA B 310 52.68 -13.22 -14.45
CA ALA B 310 54.16 -13.18 -14.50
C ALA B 310 54.60 -14.25 -15.49
N SER B 311 55.86 -14.16 -15.93
CA SER B 311 56.50 -15.22 -16.70
C SER B 311 57.67 -15.78 -15.90
N ILE B 312 57.77 -17.11 -15.85
CA ILE B 312 58.87 -17.80 -15.16
C ILE B 312 59.54 -18.77 -16.13
N TYR B 313 60.62 -19.39 -15.67
CA TYR B 313 61.61 -20.04 -16.56
C TYR B 313 62.02 -21.41 -16.08
N SER B 314 61.49 -21.89 -14.96
CA SER B 314 61.79 -23.23 -14.49
C SER B 314 60.69 -23.71 -13.51
N TRP B 315 60.66 -25.01 -13.23
CA TRP B 315 59.65 -25.54 -12.30
C TRP B 315 60.06 -25.34 -10.87
N ASP B 316 61.36 -25.16 -10.63
CA ASP B 316 61.81 -24.81 -9.26
C ASP B 316 61.29 -23.42 -8.88
N GLU B 317 61.25 -22.53 -9.88
CA GLU B 317 60.65 -21.17 -9.79
C GLU B 317 59.14 -21.26 -9.48
N ALA B 318 58.42 -22.12 -10.24
CA ALA B 318 56.99 -22.44 -9.93
C ALA B 318 56.79 -22.93 -8.48
N ASP B 319 57.63 -23.87 -8.07
CA ASP B 319 57.54 -24.40 -6.71
C ASP B 319 57.78 -23.35 -5.67
N ARG B 320 58.72 -22.44 -5.94
CA ARG B 320 59.05 -21.37 -5.02
C ARG B 320 57.84 -20.46 -4.85
N ILE B 321 57.31 -19.99 -5.98
CA ILE B 321 56.11 -19.14 -6.08
C ILE B 321 55.01 -19.71 -5.22
N LEU B 322 54.72 -20.98 -5.46
CA LEU B 322 53.66 -21.70 -4.74
C LEU B 322 53.92 -21.52 -3.25
N ALA B 323 55.10 -21.96 -2.82
CA ALA B 323 55.52 -21.80 -1.41
C ALA B 323 55.21 -20.42 -0.90
N ASP B 324 55.47 -19.35 -1.69
CA ASP B 324 55.08 -17.95 -1.30
C ASP B 324 53.58 -17.72 -1.30
N LEU B 325 52.85 -18.33 -2.22
CA LEU B 325 51.37 -18.21 -2.20
C LEU B 325 50.76 -18.80 -0.91
N GLU B 326 51.29 -19.98 -0.54
CA GLU B 326 50.92 -20.66 0.70
C GLU B 326 51.19 -19.75 1.93
N THR B 327 52.45 -19.37 2.15
CA THR B 327 52.79 -18.38 3.21
C THR B 327 51.81 -17.21 3.21
N LEU B 328 51.59 -16.61 2.03
CA LEU B 328 50.72 -15.43 1.82
C LEU B 328 49.30 -15.72 2.23
N CYS B 329 48.83 -16.91 1.97
CA CYS B 329 47.47 -17.28 2.30
C CYS B 329 47.37 -17.62 3.76
N LYS B 330 48.48 -18.07 4.32
CA LYS B 330 48.50 -18.42 5.73
C LYS B 330 48.57 -17.18 6.58
N GLU B 331 49.38 -16.20 6.10
CA GLU B 331 49.64 -14.91 6.74
C GLU B 331 48.75 -13.74 6.33
N MET C 18 -8.74 -14.24 -6.97
CA MET C 18 -7.32 -14.44 -6.73
C MET C 18 -6.67 -13.19 -6.13
N ALA C 19 -6.98 -12.04 -6.72
CA ALA C 19 -6.47 -10.77 -6.23
C ALA C 19 -7.18 -10.49 -4.93
N SER C 20 -8.50 -10.99 -4.77
CA SER C 20 -9.37 -10.83 -3.59
C SER C 20 -8.73 -11.62 -2.43
N MET C 21 -7.96 -12.69 -2.89
CA MET C 21 -7.24 -13.50 -1.91
C MET C 21 -6.06 -12.74 -1.31
N LYS C 22 -5.25 -12.14 -2.17
CA LYS C 22 -4.08 -11.37 -1.72
C LYS C 22 -4.49 -10.28 -0.75
N THR C 23 -5.61 -9.62 -1.04
CA THR C 23 -6.16 -8.63 -0.16
C THR C 23 -6.54 -9.24 1.15
N GLU C 24 -7.13 -10.44 1.11
CA GLU C 24 -7.55 -11.08 2.34
C GLU C 24 -6.34 -11.55 3.19
N LEU C 25 -5.29 -12.01 2.55
CA LEU C 25 -4.07 -12.37 3.29
C LEU C 25 -3.54 -11.17 4.04
N ILE C 26 -3.55 -10.01 3.37
CA ILE C 26 -3.02 -8.79 3.96
C ILE C 26 -3.91 -8.34 5.13
N ARG C 27 -5.23 -8.39 4.95
CA ARG C 27 -6.12 -8.00 6.02
C ARG C 27 -5.90 -8.92 7.24
N THR C 28 -5.77 -10.23 6.98
CA THR C 28 -5.60 -11.18 8.04
C THR C 28 -4.29 -10.98 8.75
N ILE C 29 -3.20 -10.69 8.01
CA ILE C 29 -1.88 -10.41 8.66
C ILE C 29 -2.04 -9.23 9.66
N SER C 30 -2.74 -8.18 9.25
CA SER C 30 -2.86 -6.99 10.10
C SER C 30 -3.61 -7.28 11.41
N LEU C 31 -4.53 -8.25 11.42
CA LEU C 31 -5.34 -8.56 12.63
C LEU C 31 -4.66 -9.42 13.66
N TYR C 32 -3.66 -10.19 13.26
CA TYR C 32 -3.00 -11.12 14.18
C TYR C 32 -1.65 -10.61 14.66
N ASP C 33 -1.52 -10.50 15.97
CA ASP C 33 -0.30 -9.94 16.52
C ASP C 33 0.96 -10.81 16.64
N THR C 34 0.74 -12.12 16.70
CA THR C 34 1.79 -13.11 16.67
C THR C 34 1.70 -13.92 15.38
N ILE C 35 2.77 -13.91 14.65
CA ILE C 35 2.81 -14.57 13.34
C ILE C 35 4.07 -15.47 13.26
N ILE C 36 3.86 -16.76 12.90
CA ILE C 36 4.91 -17.77 12.88
C ILE C 36 4.93 -18.36 11.49
N LEU C 37 6.10 -18.32 10.83
CA LEU C 37 6.22 -18.72 9.46
C LEU C 37 7.07 -20.00 9.32
N HIS C 38 6.60 -20.94 8.48
CA HIS C 38 7.21 -22.27 8.26
C HIS C 38 7.47 -22.37 6.76
N ARG C 39 8.40 -23.27 6.39
CA ARG C 39 8.53 -23.74 5.04
C ARG C 39 8.89 -25.24 5.04
N HIS C 40 9.39 -25.80 3.93
CA HIS C 40 9.50 -27.26 3.83
C HIS C 40 10.81 -27.75 4.38
N VAL C 41 10.83 -29.03 4.76
CA VAL C 41 12.08 -29.70 5.23
C VAL C 41 13.10 -29.70 4.13
N ARG C 42 14.38 -29.70 4.52
CA ARG C 42 15.49 -29.71 3.51
C ARG C 42 15.30 -28.51 2.55
N PRO C 43 15.36 -27.33 3.11
CA PRO C 43 15.09 -26.11 2.38
C PRO C 43 16.13 -25.69 1.39
N ASP C 44 15.64 -25.10 0.30
CA ASP C 44 16.40 -24.56 -0.78
C ASP C 44 16.33 -23.03 -0.71
N PRO C 45 16.91 -22.39 -1.74
CA PRO C 45 16.88 -20.92 -1.72
C PRO C 45 15.44 -20.33 -1.73
N ASP C 46 14.55 -20.90 -2.52
CA ASP C 46 13.19 -20.38 -2.56
C ASP C 46 12.41 -20.50 -1.22
N ALA C 47 12.73 -21.52 -0.44
CA ALA C 47 12.18 -21.71 0.90
C ALA C 47 12.60 -20.65 1.85
N TYR C 48 13.90 -20.31 1.85
CA TYR C 48 14.43 -19.22 2.65
C TYR C 48 13.86 -17.90 2.11
N GLY C 49 13.83 -17.78 0.79
CA GLY C 49 13.46 -16.56 0.16
C GLY C 49 12.04 -16.17 0.54
N SER C 50 11.12 -17.14 0.48
CA SER C 50 9.72 -16.87 0.66
C SER C 50 9.43 -16.70 2.12
N GLN C 51 9.73 -17.72 2.93
CA GLN C 51 9.53 -17.66 4.39
C GLN C 51 10.25 -16.49 5.10
N CYS C 52 11.55 -16.43 4.89
CA CYS C 52 12.39 -15.40 5.50
C CYS C 52 12.19 -14.01 4.85
N GLY C 53 11.91 -13.91 3.55
CA GLY C 53 11.61 -12.64 2.97
C GLY C 53 10.35 -12.04 3.56
N LEU C 54 9.29 -12.88 3.58
CA LEU C 54 8.05 -12.44 4.18
C LEU C 54 8.22 -12.08 5.67
N THR C 55 8.96 -12.88 6.41
CA THR C 55 9.25 -12.62 7.81
C THR C 55 9.86 -11.24 7.96
N GLU C 56 10.80 -10.91 7.08
CA GLU C 56 11.54 -9.64 7.19
C GLU C 56 10.66 -8.46 6.84
N ILE C 57 9.81 -8.61 5.82
CA ILE C 57 8.87 -7.57 5.45
C ILE C 57 7.93 -7.29 6.66
N LEU C 58 7.42 -8.34 7.30
CA LEU C 58 6.52 -8.20 8.42
C LEU C 58 7.20 -7.53 9.62
N ARG C 59 8.46 -7.90 9.88
CA ARG C 59 9.25 -7.34 10.96
C ARG C 59 9.45 -5.84 10.77
N GLU C 60 9.80 -5.42 9.56
CA GLU C 60 10.01 -4.00 9.28
C GLU C 60 8.69 -3.21 9.27
N THR C 61 7.64 -3.84 8.74
CA THR C 61 6.31 -3.25 8.65
C THR C 61 5.57 -3.13 9.99
N TYR C 62 5.70 -4.12 10.84
CA TYR C 62 4.96 -4.20 12.10
C TYR C 62 5.90 -4.42 13.24
N PRO C 63 6.64 -3.35 13.63
CA PRO C 63 7.53 -3.49 14.81
C PRO C 63 6.81 -3.88 16.10
N GLU C 64 5.53 -3.59 16.23
CA GLU C 64 4.76 -4.00 17.45
C GLU C 64 4.36 -5.48 17.49
N LYS C 65 4.38 -6.19 16.37
CA LYS C 65 4.03 -7.64 16.30
C LYS C 65 5.21 -8.59 16.69
N ASN C 66 4.88 -9.79 17.15
CA ASN C 66 5.87 -10.81 17.40
C ASN C 66 5.87 -11.71 16.14
N ILE C 67 6.91 -11.59 15.28
CA ILE C 67 7.09 -12.39 14.08
C ILE C 67 8.27 -13.42 14.25
N PHE C 68 8.04 -14.71 13.99
CA PHE C 68 9.01 -15.77 14.20
C PHE C 68 9.13 -16.61 12.92
N ALA C 69 10.37 -16.97 12.52
CA ALA C 69 10.61 -17.94 11.41
C ALA C 69 11.21 -19.21 12.00
N VAL C 70 10.47 -20.33 11.90
CA VAL C 70 10.87 -21.60 12.56
C VAL C 70 11.39 -22.60 11.55
N GLY C 71 11.96 -23.67 12.05
CA GLY C 71 12.50 -24.75 11.23
C GLY C 71 13.94 -25.10 11.57
N THR C 72 14.45 -26.15 10.97
CA THR C 72 15.91 -26.46 11.10
C THR C 72 16.73 -25.71 10.11
N PRO C 73 17.79 -25.05 10.57
CA PRO C 73 18.61 -24.37 9.52
C PRO C 73 19.27 -25.32 8.53
N GLU C 74 19.37 -24.91 7.27
CA GLU C 74 20.21 -25.57 6.28
C GLU C 74 21.61 -24.92 6.30
N PRO C 75 22.67 -25.69 6.66
CA PRO C 75 23.96 -25.01 6.89
C PRO C 75 24.52 -24.25 5.67
N SER C 76 24.31 -24.72 4.44
CA SER C 76 24.73 -23.91 3.28
C SER C 76 23.87 -22.66 2.95
N LEU C 77 22.76 -22.44 3.66
CA LEU C 77 21.95 -21.25 3.47
C LEU C 77 21.81 -20.45 4.73
N SER C 78 22.47 -20.86 5.83
CA SER C 78 22.38 -20.20 7.12
C SER C 78 22.88 -18.77 7.03
N PHE C 79 23.75 -18.49 6.06
CA PHE C 79 24.20 -17.14 5.87
C PHE C 79 23.08 -16.14 5.50
N LEU C 80 21.99 -16.60 4.89
CA LEU C 80 20.89 -15.69 4.52
C LEU C 80 20.09 -15.15 5.71
N TYR C 81 19.84 -15.96 6.75
CA TYR C 81 18.98 -15.54 7.90
C TYR C 81 19.08 -16.53 9.03
N SER C 82 18.96 -16.05 10.25
CA SER C 82 18.90 -16.90 11.43
C SER C 82 17.46 -17.22 11.75
N LEU C 83 17.20 -18.42 12.27
CA LEU C 83 15.85 -18.86 12.59
C LEU C 83 15.61 -18.78 14.09
N ASP C 84 14.33 -18.80 14.49
CA ASP C 84 13.93 -18.65 15.89
C ASP C 84 13.58 -19.95 16.54
N GLU C 85 13.80 -20.03 17.85
CA GLU C 85 13.32 -21.13 18.68
C GLU C 85 12.15 -20.61 19.47
N VAL C 86 11.07 -21.37 19.48
CA VAL C 86 9.77 -20.82 19.87
C VAL C 86 9.14 -21.91 20.74
N ASP C 87 8.54 -21.50 21.85
CA ASP C 87 7.79 -22.35 22.76
C ASP C 87 6.53 -22.87 22.12
N ASN C 88 5.99 -24.00 22.58
CA ASN C 88 4.62 -24.38 22.15
C ASN C 88 3.51 -23.34 22.47
N GLU C 89 3.57 -22.69 23.61
CA GLU C 89 2.56 -21.71 23.99
C GLU C 89 2.55 -20.45 23.09
N THR C 90 3.66 -20.16 22.43
CA THR C 90 3.72 -18.98 21.48
C THR C 90 2.68 -19.09 20.33
N TYR C 91 2.39 -20.32 19.95
CA TYR C 91 1.37 -20.61 18.96
C TYR C 91 -0.07 -20.25 19.35
N GLU C 92 -0.35 -20.13 20.65
CA GLU C 92 -1.74 -19.88 21.14
C GLU C 92 -2.24 -18.53 20.61
N GLY C 93 -3.27 -18.53 19.77
CA GLY C 93 -3.80 -17.31 19.18
C GLY C 93 -3.02 -16.72 18.01
N ALA C 94 -1.96 -17.42 17.56
CA ALA C 94 -1.10 -16.95 16.48
C ALA C 94 -1.71 -17.21 15.09
N LEU C 95 -1.34 -16.39 14.11
CA LEU C 95 -1.48 -16.74 12.67
C LEU C 95 -0.21 -17.53 12.29
N VAL C 96 -0.39 -18.68 11.69
CA VAL C 96 0.71 -19.47 11.15
C VAL C 96 0.67 -19.39 9.61
N ILE C 97 1.80 -19.07 8.98
CA ILE C 97 1.94 -18.99 7.52
C ILE C 97 2.97 -20.04 7.07
N VAL C 98 2.59 -20.84 6.08
CA VAL C 98 3.43 -21.91 5.61
C VAL C 98 3.73 -21.63 4.17
N CYS C 99 5.01 -21.48 3.86
CA CYS C 99 5.43 -21.10 2.51
C CYS C 99 6.06 -22.32 1.77
N ASP C 100 5.79 -22.45 0.46
CA ASP C 100 6.51 -23.28 -0.44
C ASP C 100 6.46 -24.78 -0.09
N THR C 101 5.31 -25.27 0.43
CA THR C 101 5.21 -26.67 0.87
C THR C 101 3.91 -27.29 0.41
N ALA C 102 4.02 -28.07 -0.66
CA ALA C 102 2.85 -28.77 -1.19
C ALA C 102 2.26 -29.79 -0.21
N ASN C 103 3.07 -30.48 0.61
CA ASN C 103 2.52 -31.59 1.44
C ASN C 103 2.73 -31.29 2.93
N GLN C 104 1.69 -31.50 3.74
CA GLN C 104 1.76 -31.21 5.18
C GLN C 104 2.86 -31.93 5.85
N GLU C 105 3.00 -33.19 5.42
CA GLU C 105 3.96 -34.12 5.93
C GLU C 105 5.32 -33.50 5.83
N ARG C 106 5.59 -32.78 4.76
CA ARG C 106 6.92 -32.19 4.72
C ARG C 106 6.99 -30.76 5.20
N ILE C 107 6.19 -30.27 5.98
CA ILE C 107 6.34 -28.95 6.61
C ILE C 107 7.36 -29.11 7.72
N ASP C 108 8.36 -28.22 7.73
CA ASP C 108 9.34 -28.26 8.76
C ASP C 108 8.78 -27.62 10.03
N ASP C 109 8.76 -28.42 11.11
CA ASP C 109 8.16 -28.14 12.41
C ASP C 109 6.64 -28.40 12.30
N GLN C 110 6.19 -29.54 12.81
CA GLN C 110 4.79 -29.95 12.77
C GLN C 110 3.81 -29.17 13.65
N ARG C 111 4.26 -28.08 14.26
CA ARG C 111 3.37 -27.28 15.11
C ARG C 111 2.55 -26.25 14.29
N TYR C 112 2.62 -26.31 12.96
CA TYR C 112 1.89 -25.40 12.10
C TYR C 112 0.37 -25.36 12.28
N PRO C 113 -0.33 -26.49 12.67
CA PRO C 113 -1.79 -26.37 12.82
C PRO C 113 -2.26 -25.93 14.21
N SER C 114 -1.34 -25.55 15.08
CA SER C 114 -1.63 -25.32 16.52
C SER C 114 -1.97 -23.85 16.82
N GLY C 115 -2.06 -23.04 15.78
CA GLY C 115 -2.41 -21.65 15.90
C GLY C 115 -3.90 -21.37 15.84
N ALA C 116 -4.24 -20.08 15.75
CA ALA C 116 -5.62 -19.66 15.68
C ALA C 116 -6.03 -19.48 14.22
N LYS C 117 -5.04 -19.59 13.33
CA LYS C 117 -5.28 -19.45 11.90
C LYS C 117 -4.16 -20.14 11.11
N LEU C 118 -4.50 -20.60 9.90
CA LEU C 118 -3.53 -21.27 9.05
C LEU C 118 -3.58 -20.73 7.62
N MET C 119 -2.46 -20.20 7.16
CA MET C 119 -2.37 -19.65 5.84
C MET C 119 -1.41 -20.44 4.99
N LYS C 120 -1.84 -20.86 3.79
CA LYS C 120 -0.95 -21.56 2.82
C LYS C 120 -0.64 -20.66 1.61
N ILE C 121 0.66 -20.45 1.38
CA ILE C 121 1.18 -19.70 0.23
C ILE C 121 2.15 -20.59 -0.53
N ASP C 122 1.79 -20.97 -1.74
CA ASP C 122 2.56 -21.95 -2.50
C ASP C 122 2.32 -21.82 -4.03
N ALA C 123 3.23 -22.41 -4.79
CA ALA C 123 3.21 -22.38 -6.24
C ALA C 123 3.20 -23.83 -6.81
N HIS C 124 3.02 -24.87 -6.00
CA HIS C 124 2.96 -26.24 -6.49
C HIS C 124 1.51 -26.62 -6.60
N PRO C 125 1.21 -27.67 -7.36
CA PRO C 125 -0.20 -28.06 -7.45
C PRO C 125 -0.85 -28.31 -6.08
N ASN C 126 -2.09 -27.83 -5.95
CA ASN C 126 -2.80 -27.84 -4.69
C ASN C 126 -3.48 -29.20 -4.40
N GLU C 127 -2.70 -30.27 -4.40
CA GLU C 127 -3.20 -31.62 -4.01
C GLU C 127 -3.51 -31.77 -2.55
N ASP C 128 -2.89 -30.96 -1.70
CA ASP C 128 -3.08 -31.09 -0.26
C ASP C 128 -3.53 -29.71 0.19
N PRO C 129 -4.85 -29.42 0.03
CA PRO C 129 -5.41 -28.07 0.30
C PRO C 129 -5.56 -27.64 1.79
N TYR C 130 -4.48 -27.61 2.53
CA TYR C 130 -4.51 -27.15 3.93
C TYR C 130 -4.58 -25.61 4.14
N GLY C 131 -5.15 -25.23 5.26
CA GLY C 131 -5.22 -23.81 5.64
C GLY C 131 -6.62 -23.25 5.68
N ASP C 132 -6.85 -22.25 6.53
CA ASP C 132 -8.04 -21.43 6.48
C ASP C 132 -8.06 -20.48 5.30
N LEU C 133 -6.87 -20.07 4.84
CA LEU C 133 -6.70 -19.17 3.71
C LEU C 133 -5.59 -19.75 2.87
N LEU C 134 -5.81 -19.81 1.56
CA LEU C 134 -4.97 -20.59 0.66
C LEU C 134 -4.76 -19.79 -0.62
N TRP C 135 -3.50 -19.50 -0.94
CA TRP C 135 -3.11 -18.75 -2.14
C TRP C 135 -2.07 -19.61 -2.86
N VAL C 136 -2.52 -20.34 -3.87
CA VAL C 136 -1.71 -21.22 -4.69
C VAL C 136 -1.78 -20.76 -6.11
N ASP C 137 -0.63 -20.37 -6.64
CA ASP C 137 -0.50 -19.89 -8.02
C ASP C 137 0.49 -20.80 -8.78
N THR C 138 -0.05 -21.83 -9.40
CA THR C 138 0.76 -22.79 -10.17
C THR C 138 1.39 -22.12 -11.39
N SER C 139 0.92 -20.94 -11.80
CA SER C 139 1.60 -20.20 -12.85
C SER C 139 2.74 -19.36 -12.41
N ALA C 140 3.01 -19.26 -11.10
CA ALA C 140 4.17 -18.47 -10.59
C ALA C 140 5.50 -19.14 -10.81
N SER C 141 6.53 -18.36 -11.09
CA SER C 141 7.88 -18.90 -11.32
C SER C 141 8.64 -19.34 -10.05
N SER C 142 8.11 -18.99 -8.88
CA SER C 142 8.73 -19.33 -7.55
C SER C 142 7.84 -18.77 -6.46
N VAL C 143 7.97 -19.22 -5.21
CA VAL C 143 7.21 -18.68 -4.10
C VAL C 143 7.79 -17.34 -3.67
N SER C 144 9.09 -17.19 -3.86
CA SER C 144 9.75 -15.89 -3.67
C SER C 144 9.11 -14.74 -4.49
N GLU C 145 8.80 -15.06 -5.75
CA GLU C 145 8.09 -14.14 -6.66
C GLU C 145 6.69 -13.84 -6.19
N MET C 146 5.99 -14.87 -5.70
CA MET C 146 4.67 -14.60 -5.12
C MET C 146 4.77 -13.62 -3.94
N ILE C 147 5.78 -13.80 -3.11
CA ILE C 147 5.94 -12.95 -1.94
C ILE C 147 6.21 -11.50 -2.40
N TYR C 148 7.01 -11.32 -3.44
CA TYR C 148 7.21 -9.96 -3.97
C TYR C 148 5.90 -9.37 -4.48
N GLU C 149 5.12 -10.18 -5.18
CA GLU C 149 3.88 -9.69 -5.69
C GLU C 149 2.94 -9.32 -4.54
N LEU C 150 2.94 -10.12 -3.47
CA LEU C 150 2.15 -9.82 -2.30
C LEU C 150 2.59 -8.48 -1.67
N TYR C 151 3.89 -8.30 -1.56
CA TYR C 151 4.50 -7.06 -1.15
C TYR C 151 4.03 -5.87 -1.99
N LEU C 152 3.96 -6.04 -3.31
CA LEU C 152 3.59 -4.92 -4.13
C LEU C 152 2.18 -4.47 -3.82
N GLU C 153 1.29 -5.40 -3.52
CA GLU C 153 -0.06 -5.04 -3.03
C GLU C 153 -0.01 -4.47 -1.61
N GLY C 154 0.74 -5.13 -0.76
CA GLY C 154 0.98 -4.67 0.57
C GLY C 154 1.46 -3.23 0.69
N LYS C 155 2.14 -2.75 -0.35
CA LYS C 155 2.63 -1.38 -0.38
C LYS C 155 1.45 -0.41 -0.20
N GLU C 156 0.31 -0.72 -0.80
CA GLU C 156 -0.86 0.14 -0.68
C GLU C 156 -1.40 0.20 0.76
N HIS C 157 -0.91 -0.70 1.61
CA HIS C 157 -1.30 -0.81 3.02
C HIS C 157 -0.20 -0.47 3.99
N GLY C 158 0.90 0.12 3.51
CA GLY C 158 2.04 0.52 4.36
C GLY C 158 3.12 -0.55 4.53
N TRP C 159 3.04 -1.69 3.78
CA TRP C 159 4.13 -2.66 3.84
C TRP C 159 5.47 -2.03 3.38
N LYS C 160 6.53 -2.41 4.08
CA LYS C 160 7.89 -1.87 3.86
C LYS C 160 8.88 -2.99 3.52
N LEU C 161 9.68 -2.81 2.51
CA LEU C 161 10.77 -3.75 2.13
C LEU C 161 12.14 -3.22 2.47
N ASN C 162 12.94 -3.92 3.25
CA ASN C 162 14.32 -3.42 3.57
C ASN C 162 15.37 -4.19 2.82
N THR C 163 16.61 -3.84 3.04
CA THR C 163 17.70 -4.43 2.31
C THR C 163 17.79 -5.94 2.53
N LYS C 164 17.66 -6.36 3.79
CA LYS C 164 17.65 -7.79 4.13
C LYS C 164 16.54 -8.54 3.39
N ALA C 165 15.36 -7.95 3.28
CA ALA C 165 14.22 -8.66 2.69
C ALA C 165 14.41 -8.74 1.20
N ALA C 166 14.94 -7.65 0.58
CA ALA C 166 15.18 -7.65 -0.88
C ALA C 166 16.24 -8.67 -1.20
N GLU C 167 17.20 -8.86 -0.30
CA GLU C 167 18.26 -9.83 -0.54
C GLU C 167 17.69 -11.27 -0.54
N LEU C 168 16.89 -11.56 0.50
CA LEU C 168 16.27 -12.82 0.55
C LEU C 168 15.45 -13.16 -0.68
N ILE C 169 14.57 -12.25 -1.06
CA ILE C 169 13.66 -12.48 -2.18
C ILE C 169 14.43 -12.71 -3.49
N TYR C 170 15.47 -11.92 -3.69
CA TYR C 170 16.31 -12.02 -4.90
C TYR C 170 17.00 -13.35 -4.91
N ALA C 171 17.48 -13.77 -3.76
CA ALA C 171 18.12 -15.08 -3.61
C ALA C 171 17.24 -16.26 -3.99
N GLY C 172 15.96 -16.16 -3.64
CA GLY C 172 14.98 -17.20 -3.94
C GLY C 172 14.66 -17.26 -5.43
N ILE C 173 14.48 -16.10 -6.04
CA ILE C 173 14.22 -15.99 -7.47
C ILE C 173 15.41 -16.52 -8.32
N VAL C 174 16.59 -16.13 -7.91
CA VAL C 174 17.82 -16.52 -8.57
C VAL C 174 18.12 -17.99 -8.33
N GLY C 175 17.86 -18.47 -7.13
CA GLY C 175 18.09 -19.87 -6.81
C GLY C 175 17.18 -20.76 -7.62
N ASP C 176 15.91 -20.38 -7.67
CA ASP C 176 14.88 -21.10 -8.41
C ASP C 176 14.96 -20.90 -9.91
N THR C 177 15.63 -19.85 -10.37
CA THR C 177 15.70 -19.64 -11.81
C THR C 177 17.10 -19.92 -12.39
N GLY C 178 17.97 -20.52 -11.58
CA GLY C 178 19.32 -20.82 -12.02
C GLY C 178 19.97 -19.56 -12.56
N ARG C 179 19.60 -18.43 -11.97
CA ARG C 179 20.08 -17.11 -12.37
C ARG C 179 19.52 -16.67 -13.71
N PHE C 180 18.25 -16.94 -13.92
CA PHE C 180 17.56 -16.55 -15.15
C PHE C 180 17.96 -17.43 -16.34
N LEU C 181 18.23 -18.67 -16.06
CA LEU C 181 18.59 -19.53 -17.14
C LEU C 181 17.43 -20.42 -17.44
N PHE C 182 16.83 -20.96 -16.39
CA PHE C 182 15.76 -22.01 -16.50
C PHE C 182 14.45 -21.52 -17.15
N PRO C 183 13.64 -22.44 -17.68
CA PRO C 183 12.45 -21.96 -18.43
C PRO C 183 11.34 -21.31 -17.59
N ASN C 184 11.37 -21.46 -16.26
CA ASN C 184 10.42 -20.72 -15.38
C ASN C 184 10.80 -19.18 -15.33
N THR C 185 12.03 -18.78 -15.71
CA THR C 185 12.32 -17.33 -15.97
C THR C 185 11.33 -16.65 -16.94
N THR C 186 10.60 -15.62 -16.48
CA THR C 186 9.78 -14.78 -17.38
C THR C 186 10.21 -13.31 -17.38
N GLU C 187 9.53 -12.50 -18.17
CA GLU C 187 9.80 -11.07 -18.20
C GLU C 187 9.53 -10.50 -16.81
N LYS C 188 8.47 -11.01 -16.16
CA LYS C 188 8.11 -10.57 -14.82
C LYS C 188 9.26 -10.92 -13.84
N THR C 189 9.85 -12.10 -13.95
CA THR C 189 10.99 -12.38 -13.09
C THR C 189 12.14 -11.37 -13.22
N LEU C 190 12.49 -10.99 -14.46
CA LEU C 190 13.64 -10.06 -14.68
C LEU C 190 13.33 -8.65 -14.16
N LYS C 191 12.11 -8.22 -14.37
CA LYS C 191 11.64 -6.90 -13.93
C LYS C 191 11.69 -6.80 -12.42
N TYR C 192 11.17 -7.81 -11.71
CA TYR C 192 11.29 -7.86 -10.27
C TYR C 192 12.70 -7.91 -9.77
N ALA C 193 13.52 -8.76 -10.37
CA ALA C 193 14.95 -8.80 -10.03
C ALA C 193 15.55 -7.40 -10.19
N GLY C 194 15.13 -6.66 -11.21
CA GLY C 194 15.66 -5.37 -11.49
C GLY C 194 15.34 -4.38 -10.38
N GLU C 195 14.11 -4.47 -9.91
CA GLU C 195 13.62 -3.70 -8.76
C GLU C 195 14.32 -4.09 -7.48
N LEU C 196 14.59 -5.38 -7.29
CA LEU C 196 15.21 -5.80 -6.02
C LEU C 196 16.69 -5.46 -5.87
N ILE C 197 17.39 -5.50 -7.01
CA ILE C 197 18.86 -5.27 -7.02
C ILE C 197 19.26 -3.80 -6.74
N GLN C 198 18.31 -2.88 -6.85
CA GLN C 198 18.48 -1.50 -6.41
C GLN C 198 18.83 -1.42 -4.93
N TYR C 199 18.43 -2.41 -4.14
CA TYR C 199 18.80 -2.44 -2.72
C TYR C 199 20.28 -2.77 -2.48
N PRO C 200 20.91 -2.16 -1.45
CA PRO C 200 22.38 -2.24 -1.21
C PRO C 200 22.90 -3.54 -0.57
N PHE C 201 22.55 -4.66 -1.17
CA PHE C 201 23.08 -5.92 -0.70
C PHE C 201 24.08 -6.29 -1.79
N SER C 202 25.05 -7.11 -1.44
CA SER C 202 26.04 -7.53 -2.41
C SER C 202 25.57 -8.77 -3.17
N SER C 203 25.22 -8.60 -4.44
CA SER C 203 24.87 -9.78 -5.27
C SER C 203 26.10 -10.68 -5.45
N SER C 204 27.27 -10.10 -5.65
CA SER C 204 28.51 -10.86 -5.67
C SER C 204 28.74 -11.76 -4.45
N GLU C 205 28.76 -11.23 -3.23
CA GLU C 205 28.92 -12.12 -2.05
C GLU C 205 27.76 -13.20 -2.01
N LEU C 206 26.55 -12.84 -2.48
CA LEU C 206 25.41 -13.78 -2.53
C LEU C 206 25.65 -14.96 -3.44
N PHE C 207 26.05 -14.71 -4.67
CA PHE C 207 26.36 -15.77 -5.64
C PHE C 207 27.54 -16.58 -5.13
N ASN C 208 28.54 -15.91 -4.65
CA ASN C 208 29.68 -16.59 -4.08
C ASN C 208 29.27 -17.63 -3.01
N GLN C 209 28.28 -17.31 -2.18
CA GLN C 209 27.88 -18.28 -1.13
C GLN C 209 26.93 -19.31 -1.71
N LEU C 210 26.06 -18.89 -2.63
CA LEU C 210 25.18 -19.85 -3.25
C LEU C 210 25.87 -20.84 -4.08
N TYR C 211 26.98 -20.50 -4.73
CA TYR C 211 27.61 -21.43 -5.68
C TYR C 211 28.75 -22.26 -5.14
N GLU C 212 29.15 -21.98 -3.92
CA GLU C 212 30.21 -22.74 -3.28
C GLU C 212 30.00 -24.26 -3.43
N THR C 213 31.04 -24.96 -3.89
CA THR C 213 30.97 -26.37 -4.27
C THR C 213 32.14 -27.14 -3.65
N LYS C 214 31.80 -28.26 -3.01
CA LYS C 214 32.80 -29.06 -2.34
C LYS C 214 33.82 -29.54 -3.34
N LEU C 215 35.06 -29.57 -2.86
CA LEU C 215 36.19 -29.98 -3.67
C LEU C 215 36.03 -31.40 -4.31
N ASN C 216 35.55 -32.36 -3.52
CA ASN C 216 35.36 -33.71 -4.01
C ASN C 216 34.32 -33.81 -5.15
N VAL C 217 33.29 -32.98 -5.14
CA VAL C 217 32.32 -32.97 -6.25
C VAL C 217 32.90 -32.35 -7.52
N VAL C 218 33.69 -31.29 -7.34
CA VAL C 218 34.40 -30.65 -8.47
C VAL C 218 35.35 -31.69 -9.11
N LYS C 219 36.09 -32.40 -8.28
CA LYS C 219 36.99 -33.44 -8.78
C LYS C 219 36.26 -34.55 -9.56
N LEU C 220 35.15 -35.02 -9.00
CA LEU C 220 34.20 -35.92 -9.72
C LEU C 220 33.72 -35.35 -11.06
N ASN C 221 33.29 -34.10 -11.02
CA ASN C 221 32.93 -33.43 -12.25
C ASN C 221 34.08 -33.42 -13.25
N GLY C 222 35.29 -33.20 -12.74
CA GLY C 222 36.51 -33.33 -13.49
C GLY C 222 36.65 -34.70 -14.14
N PHE C 223 36.45 -35.74 -13.35
CA PHE C 223 36.52 -37.08 -13.90
C PHE C 223 35.53 -37.26 -15.06
N ILE C 224 34.31 -36.81 -14.85
CA ILE C 224 33.26 -36.86 -15.91
C ILE C 224 33.68 -36.13 -17.22
N PHE C 225 34.11 -34.89 -17.07
CA PHE C 225 34.55 -34.13 -18.28
C PHE C 225 35.74 -34.84 -18.98
N GLN C 226 36.68 -35.38 -18.20
CA GLN C 226 37.83 -36.03 -18.78
C GLN C 226 37.49 -37.33 -19.51
N ASN C 227 36.56 -38.11 -18.96
CA ASN C 227 36.23 -39.38 -19.59
C ASN C 227 35.06 -39.46 -20.58
N VAL C 228 34.28 -38.40 -20.73
CA VAL C 228 33.19 -38.45 -21.72
C VAL C 228 33.65 -38.97 -23.11
N SER C 229 32.81 -39.74 -23.79
CA SER C 229 33.02 -40.12 -25.20
C SER C 229 31.99 -39.47 -26.02
N LEU C 230 32.36 -39.03 -27.24
CA LEU C 230 31.42 -38.28 -28.14
C LEU C 230 31.61 -38.80 -29.54
N SER C 231 30.56 -39.30 -30.16
CA SER C 231 30.67 -39.82 -31.52
C SER C 231 30.47 -38.66 -32.49
N GLU C 232 30.71 -38.93 -33.77
CA GLU C 232 30.54 -37.94 -34.84
C GLU C 232 29.08 -37.69 -35.02
N ASN C 233 28.18 -38.57 -34.56
CA ASN C 233 26.74 -38.25 -34.65
C ASN C 233 26.16 -37.58 -33.43
N GLY C 234 27.02 -37.21 -32.49
CA GLY C 234 26.60 -36.48 -31.28
C GLY C 234 26.04 -37.34 -30.12
N ALA C 235 26.28 -38.66 -30.16
CA ALA C 235 25.98 -39.58 -29.01
C ALA C 235 27.11 -39.48 -28.00
N ALA C 236 26.83 -39.17 -26.75
CA ALA C 236 27.84 -39.22 -25.73
C ALA C 236 27.48 -40.17 -24.58
N SER C 237 28.52 -40.56 -23.86
CA SER C 237 28.32 -41.36 -22.68
C SER C 237 29.41 -41.16 -21.66
N VAL C 238 29.10 -41.42 -20.40
CA VAL C 238 30.10 -41.46 -19.35
C VAL C 238 29.72 -42.56 -18.31
N PHE C 239 30.73 -43.19 -17.72
CA PHE C 239 30.59 -44.32 -16.81
C PHE C 239 31.21 -43.87 -15.50
N ILE C 240 30.40 -43.84 -14.46
CA ILE C 240 30.87 -43.57 -13.08
C ILE C 240 30.71 -44.80 -12.18
N LYS C 241 31.77 -45.53 -12.04
CA LYS C 241 31.79 -46.77 -11.31
C LYS C 241 32.20 -46.58 -9.88
N LYS C 242 32.08 -47.65 -9.09
CA LYS C 242 32.42 -47.61 -7.68
C LYS C 242 33.84 -47.13 -7.40
N ASP C 243 34.79 -47.58 -8.19
CA ASP C 243 36.19 -47.21 -8.01
C ASP C 243 36.33 -45.68 -7.96
N THR C 244 35.64 -45.03 -8.87
CA THR C 244 35.62 -43.59 -9.00
C THR C 244 34.89 -42.93 -7.85
N LEU C 245 33.72 -43.45 -7.47
CA LEU C 245 32.97 -42.86 -6.34
C LEU C 245 33.75 -42.94 -5.04
N GLU C 246 34.45 -44.06 -4.84
CA GLU C 246 35.22 -44.29 -3.59
C GLU C 246 36.47 -43.40 -3.63
N LYS C 247 37.12 -43.33 -4.76
CA LYS C 247 38.29 -42.45 -4.92
C LYS C 247 37.99 -41.02 -4.47
N PHE C 248 36.86 -40.43 -4.88
CA PHE C 248 36.54 -39.04 -4.50
C PHE C 248 35.65 -38.86 -3.31
N GLY C 249 35.22 -39.95 -2.68
CA GLY C 249 34.35 -39.85 -1.52
C GLY C 249 33.00 -39.25 -1.83
N THR C 250 32.50 -39.47 -3.04
CA THR C 250 31.22 -38.90 -3.50
C THR C 250 30.18 -40.01 -3.57
N THR C 251 28.93 -39.64 -3.29
CA THR C 251 27.81 -40.60 -3.37
C THR C 251 27.33 -40.76 -4.80
N ALA C 252 26.65 -41.87 -5.07
CA ALA C 252 26.01 -42.09 -6.37
C ALA C 252 25.01 -40.98 -6.65
N SER C 253 24.34 -40.45 -5.63
CA SER C 253 23.39 -39.36 -5.90
C SER C 253 24.13 -38.04 -6.28
N GLU C 254 25.27 -37.74 -5.64
CA GLU C 254 26.10 -36.61 -6.12
C GLU C 254 26.50 -36.79 -7.57
N ALA C 255 26.84 -38.01 -8.01
CA ALA C 255 27.19 -38.20 -9.41
C ALA C 255 26.02 -37.89 -10.34
N SER C 256 24.83 -38.34 -9.97
CA SER C 256 23.66 -38.23 -10.82
C SER C 256 23.23 -36.84 -11.07
N GLN C 257 23.52 -36.00 -10.12
CA GLN C 257 23.26 -34.59 -10.14
C GLN C 257 24.14 -33.83 -11.13
N LEU C 258 25.11 -34.48 -11.74
CA LEU C 258 26.01 -33.89 -12.71
C LEU C 258 25.63 -34.31 -14.13
N VAL C 259 24.53 -35.03 -14.29
CA VAL C 259 24.19 -35.51 -15.62
C VAL C 259 23.98 -34.39 -16.64
N GLY C 260 23.48 -33.26 -16.19
CA GLY C 260 23.28 -32.07 -17.06
C GLY C 260 24.56 -31.34 -17.48
N THR C 261 25.68 -31.54 -16.79
CA THR C 261 26.91 -30.79 -17.09
C THR C 261 27.53 -31.02 -18.46
N LEU C 262 27.10 -32.07 -19.20
CA LEU C 262 27.61 -32.33 -20.56
C LEU C 262 26.94 -31.45 -21.62
N GLY C 263 25.91 -30.70 -21.25
CA GLY C 263 24.97 -30.15 -22.25
C GLY C 263 25.56 -29.10 -23.19
N ASN C 264 26.72 -28.53 -22.83
CA ASN C 264 27.37 -27.54 -23.63
C ASN C 264 28.61 -28.01 -24.36
N ILE C 265 28.80 -29.32 -24.43
CA ILE C 265 29.87 -29.84 -25.30
C ILE C 265 29.44 -29.66 -26.76
N SER C 266 30.32 -29.01 -27.49
CA SER C 266 30.14 -28.84 -28.91
C SER C 266 29.80 -30.13 -29.67
N GLY C 267 28.69 -30.11 -30.38
CA GLY C 267 28.27 -31.26 -31.22
C GLY C 267 27.48 -32.33 -30.45
N ILE C 268 27.27 -32.17 -29.14
CA ILE C 268 26.48 -33.17 -28.39
C ILE C 268 25.01 -33.10 -28.74
N ARG C 269 24.41 -34.24 -28.94
CA ARG C 269 22.96 -34.26 -29.27
C ARG C 269 22.21 -35.05 -28.26
N ALA C 270 22.78 -36.16 -27.80
CA ALA C 270 22.13 -37.00 -26.80
C ALA C 270 23.20 -37.67 -25.97
N TRP C 271 22.90 -37.99 -24.71
CA TRP C 271 23.88 -38.62 -23.87
C TRP C 271 23.33 -39.52 -22.76
N VAL C 272 24.16 -40.47 -22.32
CA VAL C 272 23.74 -41.44 -21.25
C VAL C 272 24.84 -41.44 -20.22
N PHE C 273 24.39 -41.46 -18.96
CA PHE C 273 25.19 -41.41 -17.75
C PHE C 273 24.98 -42.69 -16.97
N PHE C 274 25.97 -43.56 -16.89
CA PHE C 274 25.76 -44.79 -16.13
C PHE C 274 26.44 -44.62 -14.75
N VAL C 275 25.71 -44.91 -13.68
CA VAL C 275 26.26 -44.76 -12.34
C VAL C 275 26.07 -46.09 -11.59
N GLU C 276 27.17 -46.69 -11.12
CA GLU C 276 27.11 -48.02 -10.50
C GLU C 276 26.61 -47.82 -9.09
N GLU C 277 25.47 -48.44 -8.78
CA GLU C 277 24.99 -48.39 -7.40
C GLU C 277 25.10 -49.79 -6.72
N ASP C 278 24.70 -49.86 -5.46
CA ASP C 278 24.78 -51.17 -4.73
C ASP C 278 23.90 -52.25 -5.36
N ASP C 279 22.72 -51.86 -5.84
CA ASP C 279 21.73 -52.84 -6.33
C ASP C 279 21.48 -52.81 -7.83
N GLN C 280 22.10 -51.89 -8.55
CA GLN C 280 21.85 -51.75 -9.97
C GLN C 280 22.88 -50.81 -10.62
N ILE C 281 22.83 -50.75 -11.92
CA ILE C 281 23.46 -49.66 -12.65
C ILE C 281 22.32 -48.70 -13.07
N ARG C 282 22.41 -47.48 -12.45
CA ARG C 282 21.38 -46.44 -12.74
C ARG C 282 21.70 -45.78 -14.10
N VAL C 283 20.74 -45.69 -15.00
CA VAL C 283 20.97 -45.08 -16.31
C VAL C 283 20.10 -43.85 -16.62
N ARG C 284 20.76 -42.72 -16.80
CA ARG C 284 20.09 -41.46 -17.09
C ARG C 284 20.34 -40.99 -18.51
N PHE C 285 19.28 -40.75 -19.25
CA PHE C 285 19.33 -40.28 -20.61
C PHE C 285 18.92 -38.81 -20.74
N ARG C 286 19.70 -38.02 -21.49
CA ARG C 286 19.40 -36.61 -21.74
C ARG C 286 19.63 -36.27 -23.23
N SER C 287 18.80 -35.39 -23.78
CA SER C 287 18.95 -35.02 -25.19
C SER C 287 18.64 -33.55 -25.49
N LYS C 288 19.38 -32.99 -26.46
CA LYS C 288 19.21 -31.62 -26.88
C LYS C 288 18.27 -31.67 -28.09
N GLY C 289 17.70 -32.85 -28.37
CA GLY C 289 16.80 -32.99 -29.51
C GLY C 289 16.21 -34.35 -29.80
N PRO C 290 16.99 -35.27 -30.36
CA PRO C 290 16.42 -36.58 -30.68
C PRO C 290 15.68 -37.15 -29.48
N VAL C 291 14.52 -37.74 -29.67
CA VAL C 291 13.70 -38.20 -28.58
C VAL C 291 14.35 -39.47 -28.03
N ILE C 292 14.44 -39.58 -26.71
CA ILE C 292 15.13 -40.70 -26.06
C ILE C 292 14.26 -41.53 -25.10
N ASN C 293 12.97 -41.18 -24.92
CA ASN C 293 12.07 -42.03 -24.08
C ASN C 293 11.77 -43.36 -24.71
N GLY C 294 11.76 -43.43 -26.04
CA GLY C 294 11.58 -44.69 -26.74
C GLY C 294 12.75 -45.63 -26.39
N LEU C 295 13.97 -45.14 -26.42
CA LEU C 295 15.13 -45.94 -25.97
C LEU C 295 15.05 -46.38 -24.50
N ALA C 296 14.76 -45.45 -23.60
CA ALA C 296 14.59 -45.80 -22.17
C ALA C 296 13.56 -46.95 -21.93
N ARG C 297 12.46 -46.85 -22.67
CA ARG C 297 11.40 -47.86 -22.61
C ARG C 297 11.98 -49.21 -23.05
N LYS C 298 12.69 -49.22 -24.17
CA LYS C 298 13.28 -50.47 -24.63
C LYS C 298 14.03 -51.15 -23.52
N TYR C 299 14.70 -50.39 -22.68
CA TYR C 299 15.41 -51.00 -21.52
C TYR C 299 14.61 -50.96 -20.22
N ASN C 300 13.28 -51.06 -20.31
CA ASN C 300 12.40 -51.18 -19.16
C ASN C 300 12.26 -49.97 -18.26
N GLY C 301 12.57 -48.77 -18.76
CA GLY C 301 12.34 -47.53 -18.04
C GLY C 301 11.41 -46.65 -18.86
N GLY C 302 11.65 -45.34 -18.81
CA GLY C 302 10.78 -44.34 -19.43
C GLY C 302 11.09 -42.97 -18.89
N GLY C 303 10.18 -42.02 -19.22
CA GLY C 303 10.19 -40.66 -18.74
C GLY C 303 9.86 -39.70 -19.90
N HIS C 304 10.42 -38.50 -19.88
CA HIS C 304 10.13 -37.47 -20.89
C HIS C 304 10.99 -37.58 -22.15
N PRO C 305 10.52 -37.01 -23.27
CA PRO C 305 11.21 -37.06 -24.58
C PRO C 305 12.70 -36.71 -24.56
N LEU C 306 13.09 -35.80 -23.68
CA LEU C 306 14.46 -35.32 -23.57
C LEU C 306 15.12 -35.66 -22.22
N ALA C 307 14.39 -36.40 -21.37
CA ALA C 307 14.91 -36.72 -20.03
C ALA C 307 14.19 -37.97 -19.46
N SER C 308 14.90 -39.10 -19.54
CA SER C 308 14.38 -40.41 -19.15
C SER C 308 15.43 -41.21 -18.32
N GLY C 309 15.00 -42.37 -17.79
CA GLY C 309 15.87 -43.20 -16.99
C GLY C 309 15.49 -44.65 -17.09
N ALA C 310 16.42 -45.50 -16.66
CA ALA C 310 16.21 -46.95 -16.64
C ALA C 310 17.22 -47.51 -15.60
N SER C 311 17.00 -48.76 -15.20
CA SER C 311 17.81 -49.43 -14.21
C SER C 311 18.29 -50.71 -14.89
N ILE C 312 19.61 -50.92 -14.95
CA ILE C 312 20.16 -52.14 -15.63
C ILE C 312 21.11 -52.92 -14.70
N TYR C 313 21.57 -54.07 -15.13
CA TYR C 313 22.25 -55.02 -14.22
C TYR C 313 23.52 -55.67 -14.76
N SER C 314 23.97 -55.23 -15.93
CA SER C 314 25.32 -55.64 -16.42
C SER C 314 25.96 -54.59 -17.32
N TRP C 315 27.29 -54.61 -17.31
CA TRP C 315 28.08 -53.79 -18.19
C TRP C 315 27.87 -54.06 -19.68
N ASP C 316 27.64 -55.32 -20.02
CA ASP C 316 27.39 -55.71 -21.39
C ASP C 316 26.10 -55.00 -21.82
N GLU C 317 25.09 -54.97 -20.97
CA GLU C 317 23.82 -54.30 -21.36
C GLU C 317 24.10 -52.81 -21.56
N ALA C 318 24.89 -52.17 -20.65
CA ALA C 318 25.30 -50.78 -20.91
C ALA C 318 25.86 -50.56 -22.32
N ASP C 319 26.69 -51.51 -22.78
CA ASP C 319 27.25 -51.37 -24.16
C ASP C 319 26.17 -51.46 -25.18
N ARG C 320 25.13 -52.27 -24.94
CA ARG C 320 24.01 -52.37 -25.85
C ARG C 320 23.19 -51.08 -25.90
N ILE C 321 22.98 -50.43 -24.76
CA ILE C 321 22.35 -49.08 -24.76
C ILE C 321 23.16 -48.07 -25.60
N LEU C 322 24.49 -48.10 -25.47
CA LEU C 322 25.38 -47.18 -26.21
C LEU C 322 25.26 -47.37 -27.73
N ALA C 323 25.20 -48.63 -28.17
CA ALA C 323 24.97 -48.88 -29.59
C ALA C 323 23.62 -48.40 -30.10
N ASP C 324 22.55 -48.56 -29.30
CA ASP C 324 21.24 -48.08 -29.70
C ASP C 324 21.18 -46.56 -29.67
N LEU C 325 21.92 -45.89 -28.80
CA LEU C 325 21.94 -44.42 -28.77
C LEU C 325 22.64 -43.83 -30.01
N GLU C 326 23.72 -44.48 -30.43
CA GLU C 326 24.44 -44.16 -31.65
C GLU C 326 23.49 -44.30 -32.83
N THR C 327 22.76 -45.39 -32.90
CA THR C 327 21.79 -45.63 -33.96
C THR C 327 20.72 -44.56 -33.98
N LEU C 328 20.23 -44.20 -32.80
CA LEU C 328 19.21 -43.17 -32.68
C LEU C 328 19.72 -41.78 -33.07
N CYS C 329 21.02 -41.54 -32.88
CA CYS C 329 21.61 -40.25 -33.21
C CYS C 329 21.97 -40.18 -34.67
N LYS C 330 22.22 -41.32 -35.30
CA LYS C 330 22.59 -41.36 -36.71
C LYS C 330 21.37 -41.19 -37.61
N GLU C 331 20.20 -41.53 -37.07
CA GLU C 331 18.95 -41.42 -37.82
C GLU C 331 18.26 -40.10 -37.54
N SER D 17 -46.83 31.62 28.77
CA SER D 17 -45.72 31.73 27.76
C SER D 17 -45.71 30.52 26.87
N MET D 18 -45.78 29.33 27.47
CA MET D 18 -45.86 28.09 26.71
C MET D 18 -47.33 27.80 26.33
N ALA D 19 -48.25 28.11 27.24
CA ALA D 19 -49.68 27.90 27.00
C ALA D 19 -50.19 29.04 26.13
N SER D 20 -49.35 30.08 26.02
CA SER D 20 -49.69 31.25 25.22
C SER D 20 -49.16 31.11 23.80
N MET D 21 -47.98 30.29 23.77
CA MET D 21 -47.44 29.86 22.48
C MET D 21 -48.45 29.03 21.72
N LYS D 22 -48.94 27.96 22.36
CA LYS D 22 -49.93 27.06 21.72
C LYS D 22 -51.09 27.83 21.05
N THR D 23 -51.66 28.77 21.77
CA THR D 23 -52.76 29.55 21.20
C THR D 23 -52.36 30.29 19.93
N GLU D 24 -51.15 30.85 19.94
CA GLU D 24 -50.65 31.55 18.80
C GLU D 24 -50.38 30.64 17.58
N LEU D 25 -49.91 29.42 17.84
CA LEU D 25 -49.66 28.42 16.76
C LEU D 25 -51.00 28.17 16.05
N ILE D 26 -52.06 28.06 16.85
CA ILE D 26 -53.40 27.74 16.32
C ILE D 26 -53.97 28.90 15.49
N ARG D 27 -53.78 30.12 16.08
CA ARG D 27 -54.21 31.30 15.32
C ARG D 27 -53.40 31.42 14.01
N THR D 28 -52.09 31.34 14.06
CA THR D 28 -51.26 31.35 12.85
C THR D 28 -51.67 30.28 11.82
N ILE D 29 -51.91 29.05 12.27
CA ILE D 29 -52.35 28.00 11.36
C ILE D 29 -53.65 28.40 10.67
N SER D 30 -54.57 29.04 11.41
CA SER D 30 -55.90 29.34 10.73
C SER D 30 -55.69 30.38 9.58
N LEU D 31 -54.65 31.23 9.74
CA LEU D 31 -54.40 32.37 8.84
C LEU D 31 -53.67 32.08 7.55
N TYR D 32 -53.04 30.90 7.42
CA TYR D 32 -52.27 30.52 6.21
C TYR D 32 -52.96 29.34 5.55
N ASP D 33 -53.32 29.47 4.28
CA ASP D 33 -53.98 28.38 3.56
C ASP D 33 -53.05 27.40 2.87
N THR D 34 -51.74 27.67 2.81
CA THR D 34 -50.75 26.65 2.41
C THR D 34 -49.88 26.39 3.62
N ILE D 35 -49.88 25.14 4.11
CA ILE D 35 -49.04 24.79 5.24
C ILE D 35 -48.14 23.58 4.85
N ILE D 36 -46.84 23.73 5.05
CA ILE D 36 -45.89 22.72 4.63
C ILE D 36 -45.14 22.24 5.86
N LEU D 37 -45.18 20.91 6.11
CA LEU D 37 -44.60 20.38 7.32
C LEU D 37 -43.35 19.50 7.04
N HIS D 38 -42.33 19.73 7.84
CA HIS D 38 -41.04 19.03 7.79
C HIS D 38 -40.76 18.30 9.13
N ARG D 39 -39.88 17.30 9.08
CA ARG D 39 -39.27 16.75 10.28
C ARG D 39 -37.75 16.43 10.00
N HIS D 40 -37.10 15.69 10.91
CA HIS D 40 -35.68 15.38 10.77
C HIS D 40 -35.32 14.36 9.73
N VAL D 41 -34.08 14.46 9.23
CA VAL D 41 -33.53 13.45 8.33
C VAL D 41 -33.48 12.09 9.04
N ARG D 42 -33.55 11.03 8.25
CA ARG D 42 -33.53 9.62 8.77
C ARG D 42 -34.60 9.51 9.89
N PRO D 43 -35.83 9.66 9.47
CA PRO D 43 -36.86 9.77 10.43
C PRO D 43 -37.13 8.47 11.26
N ASP D 44 -37.55 8.65 12.50
CA ASP D 44 -37.97 7.60 13.43
C ASP D 44 -39.50 7.74 13.61
N PRO D 45 -40.10 6.86 14.41
CA PRO D 45 -41.54 6.92 14.65
C PRO D 45 -42.07 8.32 15.03
N ASP D 46 -41.47 8.93 16.06
CA ASP D 46 -41.88 10.24 16.53
C ASP D 46 -41.96 11.28 15.40
N ALA D 47 -41.01 11.17 14.46
CA ALA D 47 -40.95 12.15 13.36
C ALA D 47 -42.18 11.96 12.49
N TYR D 48 -42.54 10.71 12.15
CA TYR D 48 -43.75 10.50 11.36
C TYR D 48 -45.02 10.88 12.17
N GLY D 49 -45.04 10.54 13.46
CA GLY D 49 -46.25 10.69 14.27
C GLY D 49 -46.56 12.17 14.45
N SER D 50 -45.52 12.99 14.68
CA SER D 50 -45.66 14.43 14.84
C SER D 50 -45.98 15.17 13.50
N GLN D 51 -45.09 15.05 12.53
CA GLN D 51 -45.30 15.68 11.25
C GLN D 51 -46.58 15.26 10.54
N CYS D 52 -46.73 13.98 10.41
CA CYS D 52 -47.92 13.44 9.71
C CYS D 52 -49.23 13.42 10.55
N GLY D 53 -49.13 13.18 11.86
CA GLY D 53 -50.28 13.36 12.70
C GLY D 53 -50.82 14.78 12.59
N LEU D 54 -49.95 15.80 12.63
CA LEU D 54 -50.47 17.19 12.53
C LEU D 54 -50.94 17.51 11.09
N THR D 55 -50.27 16.95 10.11
CA THR D 55 -50.77 16.99 8.74
C THR D 55 -52.21 16.49 8.62
N GLU D 56 -52.46 15.29 9.12
CA GLU D 56 -53.77 14.69 9.07
C GLU D 56 -54.82 15.46 9.86
N ILE D 57 -54.47 15.99 11.03
CA ILE D 57 -55.39 16.86 11.79
C ILE D 57 -55.77 18.12 10.95
N LEU D 58 -54.79 18.75 10.36
CA LEU D 58 -55.07 19.94 9.52
C LEU D 58 -55.86 19.59 8.23
N ARG D 59 -55.60 18.43 7.62
CA ARG D 59 -56.34 18.04 6.40
C ARG D 59 -57.81 17.80 6.71
N GLU D 60 -58.09 17.12 7.78
CA GLU D 60 -59.44 16.90 8.21
C GLU D 60 -60.16 18.18 8.65
N THR D 61 -59.45 19.08 9.31
CA THR D 61 -60.05 20.23 9.92
C THR D 61 -60.35 21.29 8.84
N TYR D 62 -59.45 21.40 7.88
CA TYR D 62 -59.42 22.46 6.91
C TYR D 62 -59.35 21.93 5.51
N PRO D 63 -60.46 21.38 5.00
CA PRO D 63 -60.39 20.74 3.66
C PRO D 63 -60.15 21.72 2.50
N GLU D 64 -60.44 23.01 2.72
CA GLU D 64 -60.08 24.04 1.81
C GLU D 64 -58.60 24.39 1.74
N LYS D 65 -57.80 24.13 2.79
CA LYS D 65 -56.39 24.47 2.76
C LYS D 65 -55.61 23.47 1.95
N ASN D 66 -54.40 23.85 1.56
CA ASN D 66 -53.38 22.95 0.94
C ASN D 66 -52.31 22.63 1.96
N ILE D 67 -52.34 21.38 2.44
CA ILE D 67 -51.44 20.94 3.46
C ILE D 67 -50.54 19.83 2.86
N PHE D 68 -49.23 19.96 3.05
CA PHE D 68 -48.24 19.03 2.52
C PHE D 68 -47.21 18.61 3.56
N ALA D 69 -46.78 17.34 3.46
CA ALA D 69 -45.73 16.75 4.34
C ALA D 69 -44.62 16.28 3.42
N VAL D 70 -43.45 16.87 3.62
CA VAL D 70 -42.32 16.68 2.76
C VAL D 70 -41.19 15.86 3.43
N GLY D 71 -40.27 15.39 2.59
CA GLY D 71 -38.99 14.83 3.04
C GLY D 71 -38.83 13.50 2.37
N THR D 72 -37.72 12.80 2.67
CA THR D 72 -37.49 11.46 2.04
C THR D 72 -38.12 10.40 2.95
N PRO D 73 -38.92 9.47 2.42
CA PRO D 73 -39.48 8.44 3.35
C PRO D 73 -38.43 7.51 3.98
N GLU D 74 -38.77 6.89 5.11
CA GLU D 74 -37.99 5.76 5.72
C GLU D 74 -38.81 4.52 5.33
N PRO D 75 -38.24 3.63 4.47
CA PRO D 75 -39.06 2.49 3.96
C PRO D 75 -39.70 1.59 5.08
N SER D 76 -39.06 1.44 6.24
CA SER D 76 -39.63 0.64 7.35
C SER D 76 -40.74 1.37 8.08
N LEU D 77 -40.87 2.68 7.80
CA LEU D 77 -41.97 3.52 8.32
C LEU D 77 -43.01 4.02 7.33
N SER D 78 -42.80 3.74 6.06
CA SER D 78 -43.65 4.26 5.00
C SER D 78 -45.05 3.73 5.07
N PHE D 79 -45.27 2.63 5.79
CA PHE D 79 -46.61 2.09 5.95
C PHE D 79 -47.56 3.07 6.68
N LEU D 80 -47.01 4.05 7.36
CA LEU D 80 -47.80 5.01 8.11
C LEU D 80 -48.44 6.16 7.36
N TYR D 81 -47.77 6.63 6.32
CA TYR D 81 -48.24 7.81 5.61
C TYR D 81 -47.33 8.04 4.40
N SER D 82 -47.90 8.34 3.24
CA SER D 82 -47.10 8.87 2.09
C SER D 82 -46.81 10.34 2.19
N LEU D 83 -45.67 10.73 1.64
CA LEU D 83 -45.25 12.13 1.67
C LEU D 83 -45.58 12.76 0.33
N ASP D 84 -45.19 14.03 0.19
CA ASP D 84 -45.45 14.73 -1.06
C ASP D 84 -44.30 15.38 -1.83
N GLU D 85 -44.53 15.60 -3.11
CA GLU D 85 -43.57 16.23 -4.00
C GLU D 85 -44.08 17.63 -4.23
N VAL D 86 -43.43 18.59 -3.63
CA VAL D 86 -43.82 19.95 -3.76
C VAL D 86 -42.85 20.83 -4.56
N ASP D 87 -43.37 21.53 -5.55
CA ASP D 87 -42.49 22.43 -6.29
C ASP D 87 -42.05 23.56 -5.36
N ASN D 88 -41.11 24.38 -5.81
CA ASN D 88 -40.62 25.50 -5.00
C ASN D 88 -41.54 26.71 -4.81
N GLU D 89 -42.44 26.96 -5.76
CA GLU D 89 -43.34 28.10 -5.69
C GLU D 89 -44.26 27.93 -4.50
N THR D 90 -44.78 26.72 -4.38
CA THR D 90 -45.68 26.36 -3.28
C THR D 90 -45.22 26.92 -1.94
N TYR D 91 -43.91 27.06 -1.73
CA TYR D 91 -43.43 27.74 -0.48
C TYR D 91 -43.76 29.23 -0.39
N GLU D 92 -44.05 29.88 -1.51
CA GLU D 92 -44.28 31.34 -1.50
C GLU D 92 -45.54 31.74 -0.75
N GLY D 93 -45.38 32.52 0.31
CA GLY D 93 -46.49 32.87 1.18
C GLY D 93 -46.99 31.70 2.07
N ALA D 94 -46.23 30.58 2.16
CA ALA D 94 -46.71 29.39 2.94
C ALA D 94 -46.28 29.50 4.38
N LEU D 95 -47.02 28.82 5.27
CA LEU D 95 -46.61 28.60 6.66
C LEU D 95 -45.83 27.26 6.63
N VAL D 96 -44.64 27.28 7.20
CA VAL D 96 -43.78 26.10 7.33
C VAL D 96 -43.68 25.70 8.79
N ILE D 97 -44.04 24.44 9.05
CA ILE D 97 -43.92 23.88 10.39
C ILE D 97 -42.85 22.76 10.39
N VAL D 98 -41.90 22.89 11.29
CA VAL D 98 -40.86 21.88 11.46
C VAL D 98 -41.06 21.17 12.80
N CYS D 99 -41.33 19.87 12.74
CA CYS D 99 -41.46 19.07 13.98
C CYS D 99 -40.20 18.23 14.30
N ASP D 100 -39.88 18.09 15.58
CA ASP D 100 -39.00 17.02 16.05
C ASP D 100 -37.59 17.15 15.47
N THR D 101 -37.12 18.38 15.30
CA THR D 101 -35.75 18.60 14.74
C THR D 101 -34.98 19.60 15.58
N ALA D 102 -33.98 19.13 16.31
CA ALA D 102 -33.33 20.02 17.29
C ALA D 102 -32.31 21.02 16.67
N ASN D 103 -31.80 20.72 15.47
CA ASN D 103 -30.86 21.59 14.77
C ASN D 103 -31.39 21.82 13.36
N GLN D 104 -31.04 22.96 12.76
CA GLN D 104 -31.53 23.26 11.38
C GLN D 104 -30.94 22.45 10.30
N GLU D 105 -29.67 22.06 10.47
CA GLU D 105 -29.03 21.27 9.42
C GLU D 105 -29.65 19.86 9.26
N ARG D 106 -30.19 19.36 10.38
CA ARG D 106 -30.91 18.07 10.39
C ARG D 106 -32.34 18.13 9.85
N ILE D 107 -32.82 19.32 9.42
CA ILE D 107 -34.16 19.38 8.89
C ILE D 107 -34.13 18.71 7.52
N ASP D 108 -35.02 17.79 7.28
CA ASP D 108 -35.12 17.15 6.00
C ASP D 108 -35.89 18.11 5.09
N ASP D 109 -35.30 18.34 3.92
CA ASP D 109 -35.71 19.29 2.89
C ASP D 109 -35.39 20.67 3.42
N GLN D 110 -34.31 21.25 2.91
CA GLN D 110 -33.85 22.57 3.34
C GLN D 110 -34.77 23.73 2.99
N ARG D 111 -35.72 23.53 2.07
CA ARG D 111 -36.64 24.65 1.70
C ARG D 111 -37.36 25.29 2.91
N TYR D 112 -37.21 24.70 3.97
CA TYR D 112 -37.94 25.18 5.15
C TYR D 112 -38.00 26.69 5.47
N PRO D 113 -36.97 27.48 5.17
CA PRO D 113 -37.04 28.91 5.50
C PRO D 113 -37.59 29.78 4.36
N SER D 114 -38.09 29.16 3.32
CA SER D 114 -38.43 29.89 2.17
C SER D 114 -39.93 30.36 2.13
N GLY D 115 -40.69 30.19 3.22
CA GLY D 115 -42.12 30.50 3.23
C GLY D 115 -42.32 31.88 3.82
N ALA D 116 -43.57 32.20 4.10
CA ALA D 116 -43.93 33.47 4.72
C ALA D 116 -43.77 33.42 6.24
N LYS D 117 -43.78 32.21 6.82
CA LYS D 117 -43.64 32.10 8.26
C LYS D 117 -42.97 30.75 8.56
N LEU D 118 -42.34 30.66 9.73
CA LEU D 118 -41.66 29.43 10.18
C LEU D 118 -42.00 29.15 11.62
N MET D 119 -42.43 27.90 11.88
CA MET D 119 -42.80 27.43 13.21
C MET D 119 -41.97 26.16 13.57
N LYS D 120 -41.45 26.19 14.79
CA LYS D 120 -40.65 25.13 15.40
C LYS D 120 -41.47 24.49 16.51
N ILE D 121 -41.68 23.19 16.40
CA ILE D 121 -42.29 22.44 17.50
C ILE D 121 -41.36 21.25 17.80
N ASP D 122 -40.81 21.22 19.01
CA ASP D 122 -39.86 20.16 19.37
C ASP D 122 -39.87 19.92 20.85
N ALA D 123 -39.43 18.71 21.24
CA ALA D 123 -39.34 18.23 22.61
C ALA D 123 -37.88 18.08 23.16
N HIS D 124 -36.89 18.43 22.34
CA HIS D 124 -35.46 18.35 22.70
C HIS D 124 -34.95 19.70 23.14
N PRO D 125 -33.84 19.72 23.88
CA PRO D 125 -33.42 21.03 24.37
C PRO D 125 -33.26 22.07 23.25
N ASN D 126 -33.62 23.31 23.54
CA ASN D 126 -33.69 24.31 22.50
C ASN D 126 -32.31 24.93 22.28
N GLU D 127 -31.30 24.10 22.03
CA GLU D 127 -29.96 24.58 21.80
C GLU D 127 -29.87 25.45 20.54
N ASP D 128 -30.65 25.10 19.53
CA ASP D 128 -30.67 25.84 18.29
C ASP D 128 -32.09 26.41 18.05
N PRO D 129 -32.39 27.58 18.61
CA PRO D 129 -33.67 28.14 18.22
C PRO D 129 -33.65 28.51 16.76
N TYR D 130 -34.83 28.35 16.15
CA TYR D 130 -35.14 28.83 14.83
C TYR D 130 -36.68 29.02 14.78
N GLY D 131 -37.10 29.75 13.76
CA GLY D 131 -38.50 30.01 13.48
C GLY D 131 -39.02 31.35 13.98
N ASP D 132 -40.07 31.81 13.32
CA ASP D 132 -40.82 32.97 13.83
C ASP D 132 -41.60 32.67 15.09
N LEU D 133 -42.11 31.43 15.22
CA LEU D 133 -42.83 30.98 16.42
C LEU D 133 -42.22 29.65 16.87
N LEU D 134 -42.08 29.47 18.18
CA LEU D 134 -41.30 28.34 18.66
C LEU D 134 -41.99 27.79 19.89
N TRP D 135 -42.28 26.47 19.85
CA TRP D 135 -42.82 25.79 21.02
C TRP D 135 -41.90 24.58 21.30
N VAL D 136 -41.17 24.67 22.40
CA VAL D 136 -40.30 23.60 22.86
C VAL D 136 -40.73 23.23 24.24
N ASP D 137 -41.02 21.95 24.44
CA ASP D 137 -41.36 21.45 25.77
C ASP D 137 -40.53 20.21 26.00
N THR D 138 -39.45 20.41 26.75
CA THR D 138 -38.56 19.33 27.16
C THR D 138 -39.18 18.30 28.14
N SER D 139 -40.33 18.61 28.74
CA SER D 139 -40.94 17.65 29.66
C SER D 139 -41.84 16.65 28.90
N ALA D 140 -42.12 16.94 27.63
CA ALA D 140 -42.90 16.04 26.80
C ALA D 140 -42.09 14.80 26.53
N SER D 141 -42.75 13.64 26.42
CA SER D 141 -42.05 12.37 26.12
C SER D 141 -41.51 12.40 24.70
N SER D 142 -42.18 13.19 23.86
CA SER D 142 -42.07 13.07 22.42
C SER D 142 -42.80 14.24 21.77
N VAL D 143 -42.49 14.54 20.51
CA VAL D 143 -43.21 15.64 19.82
C VAL D 143 -44.62 15.16 19.47
N SER D 144 -44.78 13.85 19.27
CA SER D 144 -46.12 13.22 19.06
C SER D 144 -47.07 13.55 20.24
N GLU D 145 -46.55 13.46 21.46
CA GLU D 145 -47.28 13.86 22.64
C GLU D 145 -47.62 15.39 22.59
N MET D 146 -46.68 16.19 22.15
CA MET D 146 -46.92 17.62 21.98
C MET D 146 -48.04 17.90 21.01
N ILE D 147 -48.09 17.16 19.90
CA ILE D 147 -49.11 17.41 18.90
C ILE D 147 -50.51 17.07 19.47
N TYR D 148 -50.58 16.05 20.32
CA TYR D 148 -51.81 15.69 20.92
C TYR D 148 -52.31 16.81 21.87
N GLU D 149 -51.38 17.32 22.66
CA GLU D 149 -51.64 18.46 23.51
C GLU D 149 -52.17 19.70 22.72
N LEU D 150 -51.53 19.98 21.58
CA LEU D 150 -51.94 21.09 20.71
C LEU D 150 -53.34 20.85 20.21
N TYR D 151 -53.64 19.63 19.78
CA TYR D 151 -54.99 19.18 19.39
C TYR D 151 -56.01 19.42 20.52
N LEU D 152 -55.73 19.03 21.74
CA LEU D 152 -56.67 19.28 22.81
C LEU D 152 -57.04 20.79 22.90
N GLU D 153 -56.09 21.71 22.71
CA GLU D 153 -56.50 23.12 22.60
C GLU D 153 -57.19 23.47 21.30
N GLY D 154 -56.68 22.97 20.19
CA GLY D 154 -57.27 23.19 18.88
C GLY D 154 -58.71 22.76 18.74
N LYS D 155 -59.08 21.73 19.52
CA LYS D 155 -60.44 21.24 19.54
C LYS D 155 -61.46 22.38 19.85
N GLU D 156 -61.06 23.30 20.70
CA GLU D 156 -61.86 24.45 21.11
C GLU D 156 -61.94 25.51 20.01
N HIS D 157 -61.23 25.28 18.93
CA HIS D 157 -61.30 26.08 17.74
C HIS D 157 -61.88 25.25 16.60
N GLY D 158 -62.38 24.05 16.82
CA GLY D 158 -62.89 23.29 15.70
C GLY D 158 -61.95 22.25 15.08
N TRP D 159 -60.75 22.03 15.63
CA TRP D 159 -59.92 20.94 15.11
C TRP D 159 -60.54 19.58 15.31
N LYS D 160 -60.38 18.72 14.30
CA LYS D 160 -60.90 17.37 14.32
C LYS D 160 -59.76 16.35 14.22
N LEU D 161 -59.90 15.28 14.98
CA LEU D 161 -58.93 14.20 15.04
C LEU D 161 -59.65 13.00 14.45
N ASN D 162 -59.20 12.51 13.30
CA ASN D 162 -59.75 11.29 12.70
C ASN D 162 -58.92 10.06 13.06
N THR D 163 -59.39 8.90 12.60
CA THR D 163 -58.77 7.62 12.98
C THR D 163 -57.24 7.53 12.60
N LYS D 164 -56.93 7.89 11.35
CA LYS D 164 -55.55 7.86 10.88
C LYS D 164 -54.69 8.76 11.75
N ALA D 165 -55.13 10.00 11.93
CA ALA D 165 -54.40 10.95 12.76
C ALA D 165 -54.07 10.29 14.10
N ALA D 166 -55.11 9.76 14.75
CA ALA D 166 -54.94 9.10 16.03
C ALA D 166 -53.89 7.96 15.98
N GLU D 167 -53.94 7.15 14.92
CA GLU D 167 -52.99 6.07 14.70
C GLU D 167 -51.55 6.62 14.67
N LEU D 168 -51.38 7.70 13.91
CA LEU D 168 -50.09 8.29 13.71
C LEU D 168 -49.47 8.76 15.04
N ILE D 169 -50.23 9.54 15.80
CA ILE D 169 -49.76 10.06 17.06
C ILE D 169 -49.39 8.94 18.08
N TYR D 170 -50.25 7.95 18.11
CA TYR D 170 -50.03 6.75 18.98
C TYR D 170 -48.72 6.04 18.63
N ALA D 171 -48.52 5.87 17.30
CA ALA D 171 -47.31 5.30 16.77
C ALA D 171 -46.07 6.01 17.22
N GLY D 172 -46.11 7.32 17.18
CA GLY D 172 -44.97 8.10 17.58
C GLY D 172 -44.72 8.02 19.06
N ILE D 173 -45.77 8.02 19.83
CA ILE D 173 -45.62 7.91 21.29
C ILE D 173 -44.97 6.56 21.73
N VAL D 174 -45.58 5.52 21.21
CA VAL D 174 -45.14 4.16 21.39
C VAL D 174 -43.67 3.93 20.90
N GLY D 175 -43.35 4.42 19.69
CA GLY D 175 -41.96 4.32 19.17
C GLY D 175 -41.00 5.01 20.10
N ASP D 176 -41.30 6.25 20.41
CA ASP D 176 -40.39 7.05 21.18
C ASP D 176 -40.18 6.64 22.59
N THR D 177 -41.19 5.98 23.17
CA THR D 177 -41.10 5.51 24.56
C THR D 177 -40.71 4.03 24.67
N GLY D 178 -40.47 3.29 23.57
CA GLY D 178 -40.23 1.86 23.69
C GLY D 178 -41.48 1.16 24.22
N ARG D 179 -42.67 1.65 23.79
CA ARG D 179 -43.97 1.22 24.33
C ARG D 179 -44.05 1.38 25.83
N PHE D 180 -43.92 2.63 26.30
CA PHE D 180 -44.07 2.93 27.74
C PHE D 180 -43.05 2.26 28.69
N LEU D 181 -41.87 1.93 28.15
CA LEU D 181 -40.76 1.38 28.91
C LEU D 181 -39.73 2.41 29.35
N PHE D 182 -39.41 3.35 28.44
CA PHE D 182 -38.33 4.30 28.69
C PHE D 182 -38.73 5.36 29.68
N PRO D 183 -37.75 5.96 30.37
CA PRO D 183 -38.10 6.97 31.38
C PRO D 183 -38.55 8.33 30.80
N ASN D 184 -38.63 8.52 29.49
CA ASN D 184 -39.38 9.72 28.98
C ASN D 184 -40.94 9.55 29.14
N THR D 185 -41.37 8.36 29.56
CA THR D 185 -42.80 8.06 29.77
C THR D 185 -43.24 8.78 30.99
N THR D 186 -44.32 9.55 30.90
CA THR D 186 -44.92 10.11 32.11
C THR D 186 -46.42 9.74 32.21
N GLU D 187 -47.04 10.19 33.30
CA GLU D 187 -48.45 9.96 33.51
C GLU D 187 -49.22 10.57 32.35
N LYS D 188 -48.77 11.74 31.89
CA LYS D 188 -49.42 12.41 30.79
C LYS D 188 -49.31 11.54 29.54
N THR D 189 -48.15 10.99 29.27
CA THR D 189 -48.05 10.09 28.09
C THR D 189 -49.08 8.95 28.08
N LEU D 190 -49.18 8.28 29.23
CA LEU D 190 -50.12 7.15 29.36
C LEU D 190 -51.60 7.60 29.26
N LYS D 191 -51.93 8.74 29.86
CA LYS D 191 -53.27 9.27 29.77
C LYS D 191 -53.65 9.55 28.32
N TYR D 192 -52.75 10.17 27.57
CA TYR D 192 -53.02 10.48 26.15
C TYR D 192 -53.09 9.22 25.29
N ALA D 193 -52.26 8.24 25.55
CA ALA D 193 -52.35 7.01 24.78
C ALA D 193 -53.71 6.34 24.98
N GLY D 194 -54.20 6.44 26.20
CA GLY D 194 -55.55 5.94 26.53
C GLY D 194 -56.67 6.62 25.78
N GLU D 195 -56.54 7.94 25.63
CA GLU D 195 -57.47 8.66 24.80
C GLU D 195 -57.34 8.26 23.30
N LEU D 196 -56.11 8.05 22.83
CA LEU D 196 -55.88 7.66 21.43
C LEU D 196 -56.37 6.29 21.04
N ILE D 197 -56.20 5.33 21.94
CA ILE D 197 -56.57 3.98 21.61
C ILE D 197 -58.05 3.76 21.40
N GLN D 198 -58.86 4.73 21.84
CA GLN D 198 -60.29 4.65 21.60
C GLN D 198 -60.64 4.79 20.15
N TYR D 199 -59.73 5.27 19.29
CA TYR D 199 -60.05 5.42 17.86
C TYR D 199 -59.95 4.08 17.22
N PRO D 200 -60.77 3.80 16.19
CA PRO D 200 -60.80 2.41 15.68
C PRO D 200 -59.72 2.04 14.67
N PHE D 201 -58.45 2.27 15.01
CA PHE D 201 -57.31 1.78 14.24
C PHE D 201 -56.89 0.48 14.91
N SER D 202 -56.30 -0.45 14.16
CA SER D 202 -55.78 -1.71 14.78
C SER D 202 -54.39 -1.49 15.46
N SER D 203 -54.33 -1.52 16.79
CA SER D 203 -53.06 -1.35 17.46
C SER D 203 -52.16 -2.57 17.17
N SER D 204 -52.79 -3.72 16.97
CA SER D 204 -52.09 -4.94 16.56
C SER D 204 -51.31 -4.87 15.31
N GLU D 205 -51.97 -4.45 14.24
CA GLU D 205 -51.33 -4.31 12.96
C GLU D 205 -50.29 -3.18 12.94
N LEU D 206 -50.52 -2.12 13.76
CA LEU D 206 -49.48 -1.06 14.01
C LEU D 206 -48.20 -1.66 14.62
N PHE D 207 -48.30 -2.35 15.76
CA PHE D 207 -47.12 -2.97 16.37
C PHE D 207 -46.46 -4.05 15.45
N ASN D 208 -47.25 -4.83 14.75
CA ASN D 208 -46.69 -5.82 13.81
C ASN D 208 -45.77 -5.14 12.78
N GLN D 209 -46.23 -4.02 12.25
CA GLN D 209 -45.44 -3.32 11.23
C GLN D 209 -44.28 -2.55 11.79
N LEU D 210 -44.43 -2.07 13.02
CA LEU D 210 -43.37 -1.36 13.70
C LEU D 210 -42.20 -2.23 14.13
N TYR D 211 -42.53 -3.46 14.55
CA TYR D 211 -41.57 -4.36 15.08
C TYR D 211 -41.05 -5.43 14.14
N GLU D 212 -41.54 -5.42 12.91
CA GLU D 212 -41.09 -6.36 11.90
C GLU D 212 -39.58 -6.40 11.94
N THR D 213 -39.03 -7.61 11.87
CA THR D 213 -37.56 -7.83 11.92
C THR D 213 -37.24 -8.90 10.92
N LYS D 214 -36.28 -8.61 10.03
CA LYS D 214 -35.90 -9.61 9.04
C LYS D 214 -35.40 -10.89 9.69
N LEU D 215 -35.66 -12.02 9.03
CA LEU D 215 -35.39 -13.32 9.58
C LEU D 215 -33.85 -13.47 9.77
N ASN D 216 -33.06 -12.99 8.79
CA ASN D 216 -31.60 -13.08 8.87
C ASN D 216 -31.07 -12.33 10.11
N VAL D 217 -31.66 -11.19 10.45
CA VAL D 217 -31.27 -10.43 11.63
C VAL D 217 -31.68 -11.20 12.91
N VAL D 218 -32.86 -11.82 12.94
CA VAL D 218 -33.26 -12.65 14.10
C VAL D 218 -32.29 -13.85 14.34
N LYS D 219 -31.81 -14.46 13.25
CA LYS D 219 -30.94 -15.62 13.31
C LYS D 219 -29.58 -15.11 13.83
N LEU D 220 -29.14 -13.95 13.36
CA LEU D 220 -27.93 -13.35 13.92
C LEU D 220 -28.10 -13.11 15.38
N ASN D 221 -29.25 -12.58 15.77
CA ASN D 221 -29.50 -12.31 17.15
C ASN D 221 -29.43 -13.61 18.01
N GLY D 222 -29.86 -14.71 17.43
CA GLY D 222 -29.67 -16.08 17.97
C GLY D 222 -28.22 -16.50 18.20
N PHE D 223 -27.40 -16.32 17.18
CA PHE D 223 -25.99 -16.50 17.26
C PHE D 223 -25.41 -15.69 18.44
N ILE D 224 -25.79 -14.40 18.50
CA ILE D 224 -25.31 -13.53 19.56
C ILE D 224 -25.66 -14.09 20.93
N PHE D 225 -26.92 -14.44 21.11
CA PHE D 225 -27.34 -14.97 22.41
C PHE D 225 -26.61 -16.25 22.80
N GLN D 226 -26.37 -17.16 21.86
CA GLN D 226 -25.62 -18.41 22.14
C GLN D 226 -24.15 -18.19 22.40
N ASN D 227 -23.61 -17.11 21.84
CA ASN D 227 -22.18 -16.82 21.97
C ASN D 227 -21.81 -15.73 22.97
N VAL D 228 -22.56 -15.61 24.05
CA VAL D 228 -22.22 -14.61 25.04
C VAL D 228 -21.38 -15.20 26.14
N SER D 229 -20.33 -14.48 26.51
CA SER D 229 -19.44 -14.86 27.59
C SER D 229 -19.73 -13.90 28.73
N LEU D 230 -20.17 -14.42 29.87
CA LEU D 230 -20.52 -13.57 31.00
C LEU D 230 -19.67 -14.03 32.21
N SER D 231 -18.93 -13.12 32.84
CA SER D 231 -18.15 -13.46 34.03
C SER D 231 -19.01 -13.25 35.28
N GLU D 232 -18.47 -13.72 36.38
CA GLU D 232 -19.14 -13.53 37.67
C GLU D 232 -19.10 -12.13 38.16
N ASN D 233 -18.27 -11.27 37.56
CA ASN D 233 -18.34 -9.86 37.83
C ASN D 233 -19.37 -9.13 36.98
N GLY D 234 -20.08 -9.82 36.10
CA GLY D 234 -21.09 -9.19 35.22
C GLY D 234 -20.56 -8.57 33.90
N ALA D 235 -19.32 -8.86 33.55
CA ALA D 235 -18.75 -8.36 32.30
C ALA D 235 -19.12 -9.35 31.20
N ALA D 236 -19.64 -8.83 30.06
CA ALA D 236 -19.96 -9.75 28.97
C ALA D 236 -19.39 -9.33 27.63
N SER D 237 -19.28 -10.28 26.73
CA SER D 237 -18.79 -9.98 25.38
C SER D 237 -19.33 -10.98 24.34
N VAL D 238 -19.39 -10.47 23.12
CA VAL D 238 -19.73 -11.23 21.92
C VAL D 238 -18.82 -10.80 20.79
N PHE D 239 -18.23 -11.75 20.07
CA PHE D 239 -17.52 -11.47 18.82
C PHE D 239 -18.41 -11.85 17.62
N ILE D 240 -18.62 -10.92 16.68
CA ILE D 240 -19.28 -11.21 15.41
C ILE D 240 -18.23 -10.95 14.32
N LYS D 241 -17.59 -12.03 13.88
CA LYS D 241 -16.64 -12.02 12.80
C LYS D 241 -17.29 -12.16 11.40
N LYS D 242 -16.50 -11.85 10.38
CA LYS D 242 -16.97 -11.90 9.00
C LYS D 242 -17.63 -13.21 8.64
N ASP D 243 -17.01 -14.32 9.02
CA ASP D 243 -17.55 -15.64 8.72
C ASP D 243 -18.96 -15.81 9.26
N THR D 244 -19.29 -15.07 10.31
CA THR D 244 -20.62 -15.13 10.91
C THR D 244 -21.56 -14.25 10.11
N LEU D 245 -21.12 -13.02 9.85
CA LEU D 245 -21.88 -12.03 9.07
C LEU D 245 -22.23 -12.63 7.69
N GLU D 246 -21.25 -13.29 7.06
CA GLU D 246 -21.51 -13.89 5.73
C GLU D 246 -22.48 -15.10 5.86
N LYS D 247 -22.36 -15.91 6.88
CA LYS D 247 -23.27 -17.03 7.05
C LYS D 247 -24.70 -16.51 7.10
N PHE D 248 -24.98 -15.48 7.90
CA PHE D 248 -26.38 -15.02 8.00
C PHE D 248 -26.81 -14.01 6.94
N GLY D 249 -25.88 -13.42 6.24
CA GLY D 249 -26.19 -12.46 5.23
C GLY D 249 -26.53 -11.12 5.77
N THR D 250 -25.95 -10.75 6.93
CA THR D 250 -26.27 -9.50 7.60
C THR D 250 -25.11 -8.57 7.46
N THR D 251 -25.39 -7.27 7.45
CA THR D 251 -24.33 -6.24 7.42
C THR D 251 -23.76 -6.05 8.84
N ALA D 252 -22.58 -5.47 8.87
CA ALA D 252 -21.92 -5.10 10.12
C ALA D 252 -22.80 -4.15 10.94
N SER D 253 -23.44 -3.21 10.27
CA SER D 253 -24.39 -2.33 10.90
C SER D 253 -25.56 -3.07 11.56
N GLU D 254 -26.14 -4.06 10.88
CA GLU D 254 -27.16 -4.90 11.52
C GLU D 254 -26.65 -5.54 12.79
N ALA D 255 -25.40 -6.05 12.82
CA ALA D 255 -24.89 -6.64 14.07
C ALA D 255 -24.73 -5.64 15.20
N SER D 256 -24.15 -4.47 14.87
CA SER D 256 -23.90 -3.45 15.88
C SER D 256 -25.21 -2.93 16.51
N GLN D 257 -26.25 -2.88 15.71
CA GLN D 257 -27.58 -2.45 16.15
C GLN D 257 -28.19 -3.40 17.18
N LEU D 258 -27.70 -4.62 17.35
CA LEU D 258 -28.22 -5.56 18.32
C LEU D 258 -27.55 -5.51 19.67
N VAL D 259 -26.56 -4.64 19.83
CA VAL D 259 -25.83 -4.54 21.10
C VAL D 259 -26.72 -4.40 22.36
N GLY D 260 -27.83 -3.67 22.21
CA GLY D 260 -28.82 -3.47 23.25
C GLY D 260 -29.62 -4.71 23.68
N THR D 261 -29.62 -5.76 22.89
CA THR D 261 -30.45 -6.94 23.19
C THR D 261 -29.95 -7.78 24.37
N LEU D 262 -28.72 -7.51 24.86
CA LEU D 262 -28.22 -8.24 25.99
C LEU D 262 -28.76 -7.78 27.36
N GLY D 263 -29.52 -6.71 27.44
CA GLY D 263 -29.73 -5.95 28.71
C GLY D 263 -30.65 -6.63 29.75
N ASN D 264 -31.34 -7.70 29.37
CA ASN D 264 -32.11 -8.51 30.32
C ASN D 264 -31.46 -9.82 30.80
N ILE D 265 -30.17 -10.03 30.45
CA ILE D 265 -29.46 -11.18 30.99
C ILE D 265 -29.23 -10.99 32.49
N SER D 266 -29.67 -11.98 33.27
CA SER D 266 -29.42 -12.03 34.73
C SER D 266 -27.95 -11.84 35.12
N GLY D 267 -27.67 -10.84 35.95
CA GLY D 267 -26.31 -10.52 36.47
C GLY D 267 -25.38 -9.72 35.50
N ILE D 268 -25.84 -9.43 34.27
CA ILE D 268 -25.12 -8.55 33.35
C ILE D 268 -25.03 -7.13 33.88
N ARG D 269 -23.84 -6.55 33.77
CA ARG D 269 -23.52 -5.19 34.22
C ARG D 269 -22.99 -4.30 33.10
N ALA D 270 -22.01 -4.79 32.36
CA ALA D 270 -21.51 -4.04 31.22
C ALA D 270 -20.92 -5.04 30.19
N TRP D 271 -20.97 -4.62 28.93
CA TRP D 271 -20.65 -5.49 27.85
C TRP D 271 -20.11 -4.83 26.61
N VAL D 272 -19.51 -5.65 25.77
CA VAL D 272 -18.90 -5.17 24.54
C VAL D 272 -19.25 -6.11 23.38
N PHE D 273 -19.51 -5.53 22.22
CA PHE D 273 -19.57 -6.26 20.94
C PHE D 273 -18.31 -5.91 20.14
N PHE D 274 -17.64 -6.92 19.56
CA PHE D 274 -16.62 -6.73 18.52
C PHE D 274 -17.20 -7.18 17.18
N VAL D 275 -17.28 -6.27 16.22
CA VAL D 275 -17.85 -6.57 14.91
C VAL D 275 -16.78 -6.39 13.86
N GLU D 276 -16.44 -7.43 13.13
CA GLU D 276 -15.38 -7.33 12.14
C GLU D 276 -15.91 -6.68 10.84
N GLU D 277 -15.33 -5.56 10.45
CA GLU D 277 -15.70 -4.80 9.24
C GLU D 277 -14.51 -4.84 8.25
N ASP D 278 -14.67 -4.22 7.06
CA ASP D 278 -13.61 -4.22 6.08
C ASP D 278 -12.32 -3.56 6.52
N ASP D 279 -12.45 -2.46 7.26
CA ASP D 279 -11.32 -1.62 7.61
C ASP D 279 -11.05 -1.47 9.08
N GLN D 280 -11.80 -2.16 9.96
CA GLN D 280 -11.60 -2.01 11.37
C GLN D 280 -12.35 -3.11 12.07
N ILE D 281 -12.03 -3.32 13.34
CA ILE D 281 -12.98 -3.99 14.25
C ILE D 281 -13.79 -2.92 15.02
N ARG D 282 -15.09 -2.90 14.79
CA ARG D 282 -15.94 -1.95 15.48
C ARG D 282 -16.25 -2.38 16.90
N VAL D 283 -16.02 -1.52 17.87
CA VAL D 283 -16.25 -1.87 19.27
C VAL D 283 -17.40 -1.05 19.77
N ARG D 284 -18.44 -1.71 20.33
CA ARG D 284 -19.57 -1.02 20.94
C ARG D 284 -19.63 -1.45 22.38
N PHE D 285 -19.68 -0.43 23.26
CA PHE D 285 -19.81 -0.66 24.69
C PHE D 285 -21.15 -0.23 25.23
N ARG D 286 -21.69 -1.03 26.14
CA ARG D 286 -22.97 -0.75 26.78
C ARG D 286 -22.89 -1.10 28.27
N SER D 287 -23.62 -0.37 29.10
CA SER D 287 -23.63 -0.59 30.54
C SER D 287 -24.99 -0.30 31.16
N LYS D 288 -25.22 -0.99 32.27
CA LYS D 288 -26.40 -0.80 33.08
C LYS D 288 -25.93 -0.24 34.42
N GLY D 289 -24.63 0.09 34.55
CA GLY D 289 -24.17 0.61 35.82
C GLY D 289 -22.82 1.25 35.74
N PRO D 290 -21.78 0.42 35.74
CA PRO D 290 -20.42 0.95 35.66
C PRO D 290 -20.21 1.79 34.40
N VAL D 291 -19.62 2.94 34.59
CA VAL D 291 -19.35 3.92 33.56
C VAL D 291 -18.30 3.34 32.59
N ILE D 292 -18.57 3.35 31.29
CA ILE D 292 -17.61 2.69 30.35
C ILE D 292 -17.02 3.64 29.32
N ASN D 293 -17.27 4.94 29.44
CA ASN D 293 -16.70 5.84 28.44
C ASN D 293 -15.23 6.12 28.68
N GLY D 294 -14.78 5.95 29.90
CA GLY D 294 -13.34 5.99 30.15
C GLY D 294 -12.60 4.90 29.45
N LEU D 295 -13.20 3.71 29.49
CA LEU D 295 -12.62 2.56 28.83
C LEU D 295 -12.55 2.78 27.29
N ALA D 296 -13.65 3.24 26.70
CA ALA D 296 -13.68 3.55 25.28
C ALA D 296 -12.59 4.61 24.91
N ARG D 297 -12.36 5.61 25.78
CA ARG D 297 -11.33 6.63 25.52
C ARG D 297 -9.93 6.08 25.59
N LYS D 298 -9.71 5.09 26.46
CA LYS D 298 -8.43 4.41 26.53
C LYS D 298 -8.14 3.77 25.20
N TYR D 299 -9.17 3.33 24.48
CA TYR D 299 -8.99 2.71 23.17
C TYR D 299 -9.28 3.67 22.03
N ASN D 300 -9.10 5.00 22.25
CA ASN D 300 -9.22 6.02 21.19
C ASN D 300 -10.63 6.34 20.66
N GLY D 301 -11.67 5.90 21.38
CA GLY D 301 -13.03 6.25 21.08
C GLY D 301 -13.61 7.15 22.16
N GLY D 302 -14.90 6.99 22.39
CA GLY D 302 -15.59 7.71 23.41
C GLY D 302 -17.06 7.61 23.27
N GLY D 303 -17.74 8.49 24.01
CA GLY D 303 -19.22 8.66 23.94
C GLY D 303 -19.87 8.88 25.33
N HIS D 304 -21.04 8.31 25.56
CA HIS D 304 -21.80 8.47 26.80
C HIS D 304 -21.42 7.45 27.88
N PRO D 305 -21.65 7.81 29.18
CA PRO D 305 -21.16 6.92 30.24
C PRO D 305 -21.68 5.50 30.14
N LEU D 306 -22.87 5.30 29.57
CA LEU D 306 -23.41 3.91 29.42
C LEU D 306 -23.47 3.40 27.96
N ALA D 307 -23.01 4.21 27.01
CA ALA D 307 -23.09 3.84 25.57
C ALA D 307 -21.98 4.58 24.85
N SER D 308 -20.88 3.84 24.58
CA SER D 308 -19.72 4.38 23.91
C SER D 308 -19.21 3.45 22.83
N GLY D 309 -18.23 3.94 22.08
CA GLY D 309 -17.67 3.18 20.95
C GLY D 309 -16.19 3.40 20.75
N ALA D 310 -15.56 2.48 20.02
CA ALA D 310 -14.14 2.62 19.59
C ALA D 310 -13.92 1.80 18.32
N SER D 311 -12.77 1.98 17.71
CA SER D 311 -12.33 1.26 16.52
C SER D 311 -10.93 0.70 16.78
N ILE D 312 -10.76 -0.63 16.66
CA ILE D 312 -9.46 -1.28 16.89
C ILE D 312 -9.09 -2.13 15.65
N TYR D 313 -7.85 -2.66 15.67
CA TYR D 313 -7.24 -3.18 14.48
C TYR D 313 -6.57 -4.54 14.69
N SER D 314 -6.71 -5.16 15.85
CA SER D 314 -6.19 -6.53 16.02
C SER D 314 -6.94 -7.27 17.07
N TRP D 315 -6.95 -8.59 16.92
CA TRP D 315 -7.69 -9.45 17.86
C TRP D 315 -7.04 -9.41 19.23
N ASP D 316 -5.73 -9.24 19.29
CA ASP D 316 -5.07 -9.15 20.59
C ASP D 316 -5.56 -7.93 21.35
N GLU D 317 -5.74 -6.82 20.64
CA GLU D 317 -6.24 -5.60 21.26
C GLU D 317 -7.56 -5.93 21.91
N ALA D 318 -8.45 -6.56 21.13
CA ALA D 318 -9.76 -6.98 21.59
C ALA D 318 -9.66 -7.69 22.94
N ASP D 319 -8.73 -8.64 23.05
CA ASP D 319 -8.51 -9.35 24.30
C ASP D 319 -8.08 -8.38 25.40
N ARG D 320 -7.30 -7.34 25.04
CA ARG D 320 -6.85 -6.35 26.02
C ARG D 320 -8.07 -5.55 26.58
N ILE D 321 -9.05 -5.23 25.73
CA ILE D 321 -10.30 -4.63 26.10
C ILE D 321 -11.12 -5.55 27.02
N LEU D 322 -11.19 -6.84 26.72
CA LEU D 322 -11.93 -7.72 27.60
C LEU D 322 -11.36 -7.75 29.01
N ALA D 323 -10.04 -7.85 29.15
CA ALA D 323 -9.41 -7.80 30.50
C ALA D 323 -9.68 -6.48 31.24
N ASP D 324 -9.57 -5.33 30.55
CA ASP D 324 -9.97 -4.04 31.13
C ASP D 324 -11.47 -3.97 31.49
N LEU D 325 -12.33 -4.57 30.67
CA LEU D 325 -13.74 -4.60 31.03
C LEU D 325 -13.91 -5.43 32.35
N GLU D 326 -13.26 -6.55 32.43
CA GLU D 326 -13.36 -7.42 33.60
C GLU D 326 -12.91 -6.64 34.86
N THR D 327 -11.78 -5.97 34.77
CA THR D 327 -11.24 -5.15 35.82
C THR D 327 -12.21 -4.04 36.21
N LEU D 328 -12.74 -3.32 35.25
CA LEU D 328 -13.74 -2.30 35.56
C LEU D 328 -14.99 -2.86 36.25
N CYS D 329 -15.51 -3.99 35.76
CA CYS D 329 -16.65 -4.62 36.44
C CYS D 329 -16.32 -5.17 37.83
N LYS D 330 -15.05 -5.46 38.10
CA LYS D 330 -14.65 -6.00 39.41
C LYS D 330 -14.57 -4.93 40.50
N GLU D 331 -14.51 -3.66 40.09
CA GLU D 331 -14.43 -2.55 41.02
C GLU D 331 -15.43 -1.46 40.67
#